data_6XMO
#
_entry.id   6XMO
#
_cell.length_a   159.682
_cell.length_b   159.682
_cell.length_c   165.306
_cell.angle_alpha   90.000
_cell.angle_beta   90.000
_cell.angle_gamma   120.000
#
_symmetry.space_group_name_H-M   'P 64 2 2'
#
loop_
_entity.id
_entity.type
_entity.pdbx_description
1 polymer 'Fructose-bisphosphate aldolase A'
2 non-polymer 'PHOSPHATE ION'
3 non-polymer GLYCEROL
4 water water
#
_entity_poly.entity_id   1
_entity_poly.type   'polypeptide(L)'
_entity_poly.pdbx_seq_one_letter_code
;MPYQYPALTPEQKKELSDIAHRIVAPGKGILAADESTGSIAKRLQSIGTENTEENRRFYRQLLLTADDRVNPCIGGVILF
HETLYQKADDGRPFPQVFKSKGGVVGIKVDKGVVPLAGTNGETTTQGLDGLSERCAQYKKDGADFAKWRCVLKIGEHTPS
ALAIMENANVLARYASICQQNGIVPIVEPEILPDGDHDLKRCQYVTEKVLAAVYKALSDHHIYLEGTLLKPNMVTPGHAC
TQKFSHEEIAMATVTALRRTVPPAVTGITFLSGGQSEEEASINLNAINKCPLLKPWALTFSYGRALQASALKAWGGKKEN
LKAAQEEYVKRALANSLACQGKYTPSGQAGAAASESLFVSNHAY
;
_entity_poly.pdbx_strand_id   A,B
#
loop_
_chem_comp.id
_chem_comp.type
_chem_comp.name
_chem_comp.formula
GOL non-polymer GLYCEROL 'C3 H8 O3'
PO4 non-polymer 'PHOSPHATE ION' 'O4 P -3'
#
# COMPACT_ATOMS: atom_id res chain seq x y z
N ALA A 7 5.44 3.84 -20.65
CA ALA A 7 5.55 4.88 -19.62
C ALA A 7 6.98 5.19 -19.10
N LEU A 8 7.87 4.20 -19.07
CA LEU A 8 9.29 4.32 -18.70
C LEU A 8 9.99 3.03 -19.08
N THR A 9 11.20 3.13 -19.61
CA THR A 9 11.88 1.91 -20.04
C THR A 9 12.44 1.18 -18.84
N PRO A 10 12.94 -0.04 -19.02
CA PRO A 10 13.50 -0.74 -17.85
C PRO A 10 14.82 -0.17 -17.37
N GLU A 11 15.72 0.21 -18.27
CA GLU A 11 16.93 0.90 -17.82
C GLU A 11 16.57 2.13 -16.98
N GLN A 12 15.59 2.91 -17.42
CA GLN A 12 15.21 4.09 -16.64
C GLN A 12 14.66 3.74 -15.25
N LYS A 13 13.79 2.72 -15.19
CA LYS A 13 13.26 2.28 -13.90
C LYS A 13 14.40 1.78 -12.98
N LYS A 14 15.40 1.12 -13.58
CA LYS A 14 16.58 0.75 -12.81
C LYS A 14 17.30 1.98 -12.25
N GLU A 15 17.56 2.99 -13.09
CA GLU A 15 18.29 4.15 -12.57
C GLU A 15 17.52 4.79 -11.42
N LEU A 16 16.20 4.95 -11.60
CA LEU A 16 15.41 5.56 -10.54
C LEU A 16 15.42 4.68 -9.30
N SER A 17 15.10 3.40 -9.46
CA SER A 17 15.07 2.52 -8.29
C SER A 17 16.40 2.56 -7.56
N ASP A 18 17.49 2.49 -8.32
CA ASP A 18 18.79 2.54 -7.67
C ASP A 18 18.96 3.84 -6.89
N ILE A 19 18.92 4.95 -7.64
CA ILE A 19 19.05 6.26 -7.00
C ILE A 19 18.22 6.34 -5.74
N ALA A 20 17.02 5.74 -5.72
CA ALA A 20 16.19 5.96 -4.55
C ALA A 20 16.64 5.11 -3.38
N HIS A 21 17.13 3.91 -3.69
CA HIS A 21 17.62 3.05 -2.63
C HIS A 21 18.93 3.58 -2.04
N ARG A 22 19.78 4.19 -2.86
CA ARG A 22 20.98 4.78 -2.29
C ARG A 22 20.62 5.78 -1.22
N ILE A 23 19.71 6.68 -1.58
CA ILE A 23 19.40 7.82 -0.74
C ILE A 23 19.00 7.34 0.65
N VAL A 24 18.25 6.25 0.72
CA VAL A 24 17.57 5.84 1.94
C VAL A 24 18.02 4.45 2.36
N ALA A 25 19.28 4.10 2.03
CA ALA A 25 19.85 2.85 2.49
C ALA A 25 19.87 2.83 4.01
N PRO A 26 20.03 1.65 4.61
CA PRO A 26 19.95 1.54 6.08
C PRO A 26 20.82 2.57 6.79
N GLY A 27 20.21 3.34 7.69
CA GLY A 27 20.92 4.35 8.45
C GLY A 27 21.00 5.72 7.80
N LYS A 28 21.01 5.78 6.47
CA LYS A 28 21.10 7.06 5.80
C LYS A 28 19.76 7.81 5.89
N GLY A 29 19.87 9.12 5.99
CA GLY A 29 18.71 9.99 5.96
C GLY A 29 19.05 11.12 5.02
N ILE A 30 18.28 12.21 5.02
CA ILE A 30 18.54 13.31 4.11
C ILE A 30 18.59 14.60 4.90
N LEU A 31 19.49 15.50 4.50
CA LEU A 31 19.48 16.86 5.02
C LEU A 31 18.69 17.72 4.04
N ALA A 32 17.67 18.41 4.54
CA ALA A 32 16.93 19.36 3.70
C ALA A 32 17.57 20.73 3.88
N ALA A 33 18.51 21.05 3.01
CA ALA A 33 19.14 22.38 2.96
C ALA A 33 18.52 23.23 1.85
N ASP A 34 17.19 23.20 1.75
CA ASP A 34 16.49 23.56 0.52
C ASP A 34 15.82 24.93 0.59
N GLU A 35 16.22 25.76 1.57
CA GLU A 35 15.42 26.92 1.95
C GLU A 35 15.56 28.05 0.94
N SER A 36 14.42 28.68 0.67
CA SER A 36 14.37 29.86 -0.18
C SER A 36 15.31 30.93 0.34
N THR A 37 15.80 31.78 -0.57
CA THR A 37 16.49 32.96 -0.10
C THR A 37 15.57 33.80 0.75
N GLY A 38 14.26 33.72 0.49
CA GLY A 38 13.32 34.39 1.36
C GLY A 38 13.10 33.71 2.71
N SER A 39 13.28 32.39 2.78
CA SER A 39 13.03 31.69 4.03
C SER A 39 14.27 31.47 4.86
N ILE A 40 15.45 31.36 4.22
CA ILE A 40 16.72 31.34 4.96
C ILE A 40 17.08 32.76 5.37
N ALA A 41 16.37 33.74 4.80
CA ALA A 41 16.35 35.07 5.38
C ALA A 41 15.99 35.00 6.86
N LYS A 42 14.76 34.58 7.15
CA LYS A 42 14.24 34.61 8.51
C LYS A 42 15.02 33.68 9.42
N ARG A 43 15.64 32.64 8.87
CA ARG A 43 16.51 31.81 9.69
C ARG A 43 17.77 32.56 10.09
N LEU A 44 18.34 33.37 9.17
CA LEU A 44 19.57 34.08 9.50
C LEU A 44 19.32 35.23 10.46
N GLN A 45 18.21 35.95 10.27
CA GLN A 45 17.81 36.97 11.23
C GLN A 45 17.57 36.42 12.64
N SER A 46 17.24 35.14 12.77
CA SER A 46 17.10 34.55 14.10
C SER A 46 18.44 34.36 14.80
N ILE A 47 19.55 34.54 14.09
CA ILE A 47 20.89 34.51 14.68
C ILE A 47 21.71 35.71 14.24
N GLY A 48 21.05 36.85 13.95
CA GLY A 48 21.69 38.14 13.75
C GLY A 48 22.44 38.33 12.45
N THR A 49 22.54 37.29 11.63
CA THR A 49 23.35 37.32 10.43
C THR A 49 22.57 37.93 9.29
N GLU A 50 23.24 38.71 8.45
CA GLU A 50 22.58 39.36 7.33
C GLU A 50 22.43 38.39 6.17
N ASN A 51 21.36 38.57 5.40
CA ASN A 51 21.00 37.64 4.33
C ASN A 51 21.76 38.00 3.06
N THR A 52 23.02 37.59 3.03
CA THR A 52 23.95 37.92 1.97
C THR A 52 24.37 36.65 1.29
N GLU A 53 24.57 36.69 -0.03
CA GLU A 53 24.89 35.44 -0.71
C GLU A 53 25.96 34.67 0.06
N GLU A 54 27.11 35.32 0.35
CA GLU A 54 28.19 34.53 0.93
C GLU A 54 27.85 34.07 2.33
N ASN A 55 26.89 34.70 2.98
CA ASN A 55 26.46 34.14 4.24
C ASN A 55 25.69 32.84 4.00
N ARG A 56 24.73 32.87 3.07
CA ARG A 56 24.06 31.64 2.65
C ARG A 56 25.09 30.62 2.17
N ARG A 57 26.01 31.04 1.30
CA ARG A 57 26.98 30.11 0.75
C ARG A 57 27.79 29.45 1.86
N PHE A 58 28.14 30.23 2.89
CA PHE A 58 28.99 29.74 3.96
C PHE A 58 28.23 28.74 4.82
N TYR A 59 27.04 29.12 5.24
CA TYR A 59 26.23 28.23 6.03
C TYR A 59 26.04 26.90 5.32
N ARG A 60 25.43 26.92 4.13
CA ARG A 60 25.36 25.72 3.31
C ARG A 60 26.72 25.04 3.23
N GLN A 61 27.82 25.81 3.09
CA GLN A 61 29.13 25.16 2.97
C GLN A 61 29.48 24.39 4.24
N LEU A 62 29.14 24.96 5.38
CA LEU A 62 29.39 24.32 6.68
C LEU A 62 28.69 22.99 6.78
N LEU A 63 27.41 22.93 6.42
CA LEU A 63 26.67 21.69 6.50
C LEU A 63 27.24 20.66 5.53
N LEU A 64 27.50 21.06 4.28
CA LEU A 64 27.83 20.03 3.29
C LEU A 64 29.21 19.47 3.53
N THR A 65 30.07 20.20 4.22
CA THR A 65 31.45 19.81 4.39
C THR A 65 31.73 19.29 5.78
N ALA A 66 30.73 18.73 6.44
CA ALA A 66 30.99 18.17 7.74
C ALA A 66 31.76 16.87 7.57
N ASP A 67 32.39 16.47 8.66
CA ASP A 67 33.38 15.40 8.61
C ASP A 67 32.72 14.06 8.31
N ASP A 68 33.56 13.10 7.95
CA ASP A 68 33.14 11.82 7.38
C ASP A 68 32.81 10.79 8.46
N ARG A 69 32.59 11.25 9.70
CA ARG A 69 31.78 10.53 10.67
C ARG A 69 30.31 10.62 10.32
N VAL A 70 29.93 11.59 9.48
CA VAL A 70 28.53 11.72 9.10
C VAL A 70 28.21 10.93 7.86
N ASN A 71 29.20 10.43 7.16
CA ASN A 71 28.94 9.93 5.83
C ASN A 71 28.10 8.66 5.75
N PRO A 72 28.01 7.84 6.80
CA PRO A 72 26.91 6.86 6.86
C PRO A 72 25.56 7.42 7.34
N CYS A 73 25.46 8.71 7.70
CA CYS A 73 24.20 9.25 8.20
C CYS A 73 23.43 10.06 7.17
N ILE A 74 24.08 10.50 6.10
CA ILE A 74 23.48 11.49 5.22
C ILE A 74 23.76 11.02 3.81
N GLY A 75 22.78 10.39 3.20
CA GLY A 75 22.89 9.93 1.84
C GLY A 75 22.45 10.91 0.81
N GLY A 76 21.88 12.03 1.22
CA GLY A 76 21.40 12.99 0.24
C GLY A 76 21.30 14.37 0.84
N VAL A 77 21.30 15.36 -0.03
CA VAL A 77 21.03 16.72 0.41
C VAL A 77 20.09 17.36 -0.56
N ILE A 78 18.95 17.81 -0.06
CA ILE A 78 18.06 18.62 -0.86
C ILE A 78 18.59 20.05 -0.84
N LEU A 79 18.91 20.57 -2.02
CA LEU A 79 19.44 21.92 -2.12
C LEU A 79 18.42 22.85 -2.76
N PHE A 80 18.53 24.13 -2.43
CA PHE A 80 17.83 25.19 -3.12
C PHE A 80 18.62 25.53 -4.38
N HIS A 81 17.95 26.15 -5.36
CA HIS A 81 18.54 26.34 -6.69
C HIS A 81 19.87 27.02 -6.58
N GLU A 82 19.89 28.15 -5.87
CA GLU A 82 21.08 28.97 -5.75
C GLU A 82 22.24 28.10 -5.36
N THR A 83 22.08 27.34 -4.29
CA THR A 83 23.25 26.72 -3.70
C THR A 83 23.70 25.47 -4.46
N LEU A 84 22.93 25.00 -5.45
CA LEU A 84 23.46 23.95 -6.29
C LEU A 84 24.62 24.46 -7.11
N TYR A 85 24.63 25.76 -7.37
CA TYR A 85 25.54 26.39 -8.31
C TYR A 85 26.56 27.27 -7.62
N GLN A 86 26.73 27.16 -6.31
CA GLN A 86 27.78 27.83 -5.57
C GLN A 86 28.99 26.93 -5.43
N LYS A 87 30.15 27.56 -5.32
CA LYS A 87 31.39 26.82 -5.16
C LYS A 87 31.81 26.94 -3.71
N ALA A 88 32.48 25.89 -3.23
CA ALA A 88 33.07 25.91 -1.91
C ALA A 88 34.32 26.78 -1.98
N ASP A 89 35.15 26.65 -0.95
CA ASP A 89 36.34 27.46 -0.81
C ASP A 89 37.49 26.91 -1.63
N ASP A 90 37.48 25.62 -1.93
CA ASP A 90 38.46 25.05 -2.84
C ASP A 90 38.12 25.37 -4.30
N GLY A 91 37.12 26.23 -4.56
CA GLY A 91 36.57 26.38 -5.91
C GLY A 91 35.70 25.22 -6.42
N ARG A 92 35.59 24.09 -5.71
CA ARG A 92 34.75 22.98 -6.13
C ARG A 92 33.26 23.35 -6.09
N PRO A 93 32.48 22.99 -7.14
CA PRO A 93 31.02 23.15 -7.07
C PRO A 93 30.53 22.32 -5.92
N PHE A 94 29.45 22.83 -5.31
CA PHE A 94 28.90 22.18 -4.12
C PHE A 94 28.49 20.76 -4.44
N PRO A 95 27.70 20.50 -5.50
CA PRO A 95 27.32 19.10 -5.78
C PRO A 95 28.49 18.13 -5.74
N GLN A 96 29.69 18.55 -6.15
CA GLN A 96 30.81 17.61 -6.16
C GLN A 96 31.36 17.37 -4.75
N VAL A 97 31.50 18.45 -3.96
CA VAL A 97 32.00 18.26 -2.61
C VAL A 97 31.19 17.22 -1.90
N PHE A 98 29.91 17.10 -2.28
CA PHE A 98 29.02 16.14 -1.66
C PHE A 98 28.99 14.82 -2.41
N LYS A 99 29.02 14.88 -3.74
CA LYS A 99 29.07 13.63 -4.48
C LYS A 99 30.41 12.93 -4.25
N SER A 100 31.51 13.70 -4.23
CA SER A 100 32.80 13.12 -3.85
C SER A 100 32.67 12.16 -2.65
N LYS A 101 31.93 12.56 -1.59
CA LYS A 101 31.83 11.79 -0.33
C LYS A 101 30.91 10.58 -0.42
N GLY A 102 30.36 10.29 -1.59
CA GLY A 102 29.36 9.25 -1.76
C GLY A 102 27.94 9.70 -1.47
N GLY A 103 27.69 11.00 -1.50
CA GLY A 103 26.38 11.52 -1.17
C GLY A 103 25.63 11.77 -2.45
N VAL A 104 24.35 12.10 -2.31
CA VAL A 104 23.49 12.38 -3.45
C VAL A 104 22.91 13.77 -3.34
N VAL A 105 22.90 14.47 -4.47
CA VAL A 105 22.48 15.87 -4.52
C VAL A 105 21.03 15.88 -4.95
N GLY A 106 20.20 16.49 -4.12
CA GLY A 106 18.82 16.69 -4.45
C GLY A 106 18.57 18.16 -4.72
N ILE A 107 17.54 18.45 -5.51
CA ILE A 107 17.19 19.81 -5.88
C ILE A 107 15.72 19.96 -5.55
N LYS A 108 15.34 21.10 -4.95
CA LYS A 108 13.92 21.41 -4.73
C LYS A 108 13.47 22.06 -6.01
N VAL A 109 12.35 21.63 -6.58
CA VAL A 109 11.95 22.23 -7.85
C VAL A 109 10.67 23.06 -7.77
N ASP A 110 9.91 22.96 -6.69
CA ASP A 110 8.68 23.73 -6.56
C ASP A 110 9.02 25.21 -6.51
N LYS A 111 8.04 26.03 -6.85
CA LYS A 111 8.24 27.47 -6.91
C LYS A 111 7.24 28.10 -5.96
N GLY A 112 7.26 27.69 -4.72
CA GLY A 112 6.35 28.26 -3.76
C GLY A 112 4.94 27.78 -3.94
N VAL A 113 4.08 28.20 -3.01
CA VAL A 113 2.66 27.90 -3.05
C VAL A 113 1.90 29.15 -3.50
N VAL A 114 0.59 29.01 -3.66
CA VAL A 114 -0.26 29.98 -4.35
C VAL A 114 -1.69 29.64 -3.93
N PRO A 115 -2.55 30.63 -3.69
CA PRO A 115 -3.84 30.32 -3.12
C PRO A 115 -4.72 29.61 -4.12
N LEU A 116 -5.69 28.89 -3.57
CA LEU A 116 -6.75 28.25 -4.33
C LEU A 116 -8.00 29.06 -4.05
N ALA A 117 -8.57 29.64 -5.10
CA ALA A 117 -9.75 30.46 -4.89
C ALA A 117 -10.92 29.55 -4.57
N GLY A 118 -11.81 30.06 -3.73
CA GLY A 118 -12.98 29.29 -3.36
C GLY A 118 -12.85 28.64 -2.02
N THR A 119 -11.71 28.76 -1.37
CA THR A 119 -11.43 27.97 -0.19
C THR A 119 -10.96 28.83 0.96
N ASN A 120 -11.23 28.31 2.14
CA ASN A 120 -10.82 28.92 3.39
C ASN A 120 -9.33 28.73 3.53
N GLY A 121 -8.59 29.53 2.79
CA GLY A 121 -7.17 29.68 3.03
C GLY A 121 -6.31 28.73 2.24
N GLU A 122 -6.92 27.72 1.67
CA GLU A 122 -6.14 26.66 1.11
C GLU A 122 -5.29 27.17 -0.03
N THR A 123 -4.44 26.26 -0.47
CA THR A 123 -3.31 26.54 -1.31
C THR A 123 -3.11 25.40 -2.29
N THR A 124 -2.58 25.72 -3.45
CA THR A 124 -1.93 24.74 -4.30
C THR A 124 -0.50 25.23 -4.48
N THR A 125 0.28 24.44 -5.19
CA THR A 125 1.69 24.71 -5.38
C THR A 125 1.98 24.77 -6.86
N GLN A 126 2.89 25.64 -7.23
CA GLN A 126 3.19 25.85 -8.63
C GLN A 126 4.64 25.51 -8.93
N GLY A 127 4.94 25.30 -10.22
CA GLY A 127 6.31 25.08 -10.62
C GLY A 127 6.41 24.16 -11.80
N LEU A 128 5.29 23.73 -12.38
CA LEU A 128 5.36 22.70 -13.38
C LEU A 128 5.81 23.26 -14.70
N ASP A 129 5.68 24.56 -14.88
CA ASP A 129 6.02 25.21 -16.13
C ASP A 129 7.53 25.21 -16.29
N GLY A 130 8.00 24.55 -17.34
CA GLY A 130 9.42 24.42 -17.54
C GLY A 130 10.04 23.29 -16.77
N LEU A 131 9.29 22.62 -15.90
CA LEU A 131 9.89 21.62 -15.04
C LEU A 131 10.67 20.60 -15.86
N SER A 132 10.13 20.25 -17.03
CA SER A 132 10.76 19.23 -17.87
C SER A 132 12.21 19.60 -18.13
N GLU A 133 12.44 20.80 -18.67
CA GLU A 133 13.78 21.24 -19.01
C GLU A 133 14.63 21.45 -17.76
N ARG A 134 14.05 22.04 -16.72
CA ARG A 134 14.79 22.30 -15.50
C ARG A 134 15.37 21.02 -14.90
N CYS A 135 14.50 20.02 -14.71
CA CYS A 135 14.99 18.72 -14.25
C CYS A 135 16.11 18.23 -15.13
N ALA A 136 15.99 18.44 -16.44
CA ALA A 136 17.05 17.99 -17.34
C ALA A 136 18.39 18.65 -16.99
N GLN A 137 18.44 19.97 -17.04
CA GLN A 137 19.64 20.67 -16.63
C GLN A 137 20.10 20.21 -15.26
N TYR A 138 19.20 20.29 -14.27
CA TYR A 138 19.59 19.92 -12.92
C TYR A 138 20.21 18.53 -12.87
N LYS A 139 19.75 17.61 -13.72
CA LYS A 139 20.34 16.27 -13.73
C LYS A 139 21.76 16.32 -14.26
N LYS A 140 21.99 17.07 -15.34
CA LYS A 140 23.33 17.17 -15.89
C LYS A 140 24.29 17.80 -14.90
N ASP A 141 23.78 18.69 -14.05
CA ASP A 141 24.57 19.50 -13.15
C ASP A 141 24.69 18.90 -11.77
N GLY A 142 24.14 17.71 -11.56
CA GLY A 142 24.46 17.01 -10.35
C GLY A 142 23.29 16.40 -9.64
N ALA A 143 22.13 17.01 -9.79
CA ALA A 143 20.98 16.55 -9.04
C ALA A 143 20.56 15.18 -9.55
N ASP A 144 20.31 14.25 -8.63
CA ASP A 144 19.72 12.97 -8.98
C ASP A 144 18.35 12.75 -8.36
N PHE A 145 17.80 13.73 -7.64
CA PHE A 145 16.45 13.61 -7.11
C PHE A 145 15.91 14.98 -6.76
N ALA A 146 14.59 15.08 -6.74
CA ALA A 146 13.94 16.37 -6.60
C ALA A 146 12.96 16.33 -5.44
N LYS A 147 12.53 17.51 -5.00
CA LYS A 147 11.56 17.63 -3.94
C LYS A 147 10.54 18.69 -4.32
N TRP A 148 9.26 18.38 -4.16
CA TRP A 148 8.15 19.30 -4.41
C TRP A 148 7.25 19.29 -3.19
N ARG A 149 7.05 20.47 -2.58
CA ARG A 149 6.33 20.52 -1.31
C ARG A 149 4.90 21.00 -1.56
N CYS A 150 3.93 20.25 -1.03
CA CYS A 150 2.52 20.60 -1.09
C CYS A 150 2.04 20.78 0.32
N VAL A 151 1.01 21.60 0.52
CA VAL A 151 0.69 21.96 1.89
C VAL A 151 -0.80 21.96 2.14
N LEU A 152 -1.24 21.09 3.02
CA LEU A 152 -2.59 21.11 3.53
C LEU A 152 -2.51 21.55 4.98
N LYS A 153 -3.47 22.34 5.42
CA LYS A 153 -3.63 22.65 6.82
C LYS A 153 -4.87 21.95 7.33
N ILE A 154 -5.01 21.82 8.63
CA ILE A 154 -6.20 21.22 9.20
C ILE A 154 -6.95 22.29 9.95
N GLY A 155 -8.20 22.48 9.56
CA GLY A 155 -9.07 23.47 10.15
C GLY A 155 -10.45 22.87 9.99
N GLU A 156 -11.53 23.64 10.06
CA GLU A 156 -12.80 22.91 10.14
C GLU A 156 -13.34 22.55 8.77
N HIS A 157 -12.89 23.22 7.73
CA HIS A 157 -13.36 22.97 6.38
C HIS A 157 -12.16 22.79 5.47
N THR A 158 -11.08 22.29 6.07
CA THR A 158 -9.72 22.29 5.59
C THR A 158 -9.20 20.93 6.05
N PRO A 159 -8.58 20.15 5.17
CA PRO A 159 -8.30 20.35 3.75
C PRO A 159 -9.51 19.98 2.94
N SER A 160 -9.98 20.91 2.13
CA SER A 160 -11.09 20.70 1.22
C SER A 160 -10.87 19.46 0.36
N ALA A 161 -11.93 18.96 -0.27
CA ALA A 161 -11.74 17.99 -1.34
C ALA A 161 -10.96 18.59 -2.51
N LEU A 162 -11.27 19.84 -2.87
CA LEU A 162 -10.59 20.42 -4.02
C LEU A 162 -9.13 20.61 -3.71
N ALA A 163 -8.82 21.02 -2.48
CA ALA A 163 -7.42 21.24 -2.14
C ALA A 163 -6.65 19.93 -2.20
N ILE A 164 -7.30 18.85 -1.79
CA ILE A 164 -6.57 17.58 -1.80
C ILE A 164 -6.39 17.08 -3.21
N MET A 165 -7.42 17.18 -4.04
CA MET A 165 -7.35 16.67 -5.38
C MET A 165 -6.47 17.52 -6.27
N GLU A 166 -6.22 18.76 -5.88
CA GLU A 166 -5.33 19.60 -6.68
C GLU A 166 -3.87 19.43 -6.30
N ASN A 167 -3.56 19.48 -5.01
CA ASN A 167 -2.20 19.15 -4.62
C ASN A 167 -1.85 17.68 -4.92
N ALA A 168 -2.82 16.79 -4.97
CA ALA A 168 -2.45 15.46 -5.39
C ALA A 168 -2.06 15.48 -6.86
N ASN A 169 -2.90 16.05 -7.73
CA ASN A 169 -2.61 15.92 -9.16
C ASN A 169 -1.56 16.89 -9.62
N VAL A 170 -1.11 17.80 -8.78
CA VAL A 170 0.13 18.50 -9.10
C VAL A 170 1.34 17.66 -8.69
N LEU A 171 1.38 17.14 -7.47
CA LEU A 171 2.49 16.26 -7.11
C LEU A 171 2.70 15.19 -8.19
N ALA A 172 1.64 14.53 -8.62
CA ALA A 172 1.80 13.51 -9.65
C ALA A 172 2.36 14.10 -10.93
N ARG A 173 1.81 15.23 -11.41
CA ARG A 173 2.37 15.83 -12.62
C ARG A 173 3.87 16.02 -12.45
N TYR A 174 4.26 16.60 -11.32
CA TYR A 174 5.66 16.76 -10.99
C TYR A 174 6.43 15.45 -10.94
N ALA A 175 5.91 14.46 -10.20
CA ALA A 175 6.62 13.21 -10.19
C ALA A 175 6.79 12.71 -11.59
N SER A 176 5.72 12.81 -12.40
CA SER A 176 5.82 12.24 -13.73
C SER A 176 6.97 12.85 -14.50
N ILE A 177 7.23 14.13 -14.28
CA ILE A 177 8.21 14.87 -15.06
C ILE A 177 9.59 14.58 -14.56
N CYS A 178 9.78 14.58 -13.24
CA CYS A 178 11.08 14.20 -12.73
C CYS A 178 11.49 12.86 -13.30
N GLN A 179 10.61 11.88 -13.24
CA GLN A 179 11.02 10.53 -13.59
C GLN A 179 11.31 10.39 -15.06
N GLN A 180 10.61 11.13 -15.90
CA GLN A 180 10.96 10.99 -17.30
C GLN A 180 12.35 11.54 -17.53
N ASN A 181 12.75 12.60 -16.80
CA ASN A 181 14.11 13.15 -16.84
C ASN A 181 15.07 12.42 -15.89
N GLY A 182 14.77 11.18 -15.51
CA GLY A 182 15.73 10.44 -14.70
C GLY A 182 16.03 11.03 -13.35
N ILE A 183 15.02 11.55 -12.68
CA ILE A 183 15.21 12.19 -11.39
C ILE A 183 14.18 11.62 -10.43
N VAL A 184 14.63 11.14 -9.28
CA VAL A 184 13.76 10.47 -8.34
C VAL A 184 12.92 11.48 -7.59
N PRO A 185 11.62 11.55 -7.81
CA PRO A 185 10.83 12.55 -7.10
C PRO A 185 10.66 12.18 -5.66
N ILE A 186 10.77 13.16 -4.79
CA ILE A 186 10.29 13.06 -3.43
C ILE A 186 8.98 13.82 -3.41
N VAL A 187 7.86 13.12 -3.27
CA VAL A 187 6.59 13.81 -3.20
C VAL A 187 6.32 14.11 -1.73
N GLU A 188 6.14 15.38 -1.42
CA GLU A 188 5.95 15.85 -0.05
C GLU A 188 4.52 16.35 0.13
N PRO A 189 3.62 15.51 0.58
CA PRO A 189 2.31 16.03 0.99
C PRO A 189 2.36 16.33 2.47
N GLU A 190 2.68 17.58 2.81
CA GLU A 190 2.84 17.99 4.19
C GLU A 190 1.51 18.49 4.71
N ILE A 191 1.05 17.85 5.77
CA ILE A 191 -0.05 18.36 6.58
C ILE A 191 0.57 19.10 7.73
N LEU A 192 0.23 20.31 7.86
CA LEU A 192 0.90 21.18 8.77
C LEU A 192 0.33 20.96 10.15
N PRO A 193 1.17 21.11 11.19
CA PRO A 193 0.67 20.96 12.57
C PRO A 193 -0.10 22.17 13.06
N ASP A 194 -0.12 23.28 12.34
CA ASP A 194 -1.01 24.40 12.68
C ASP A 194 -2.38 23.87 13.11
N GLY A 195 -2.78 24.14 14.35
CA GLY A 195 -4.14 23.84 14.78
C GLY A 195 -4.29 23.22 16.16
N ASP A 196 -5.55 23.02 16.58
CA ASP A 196 -5.90 22.49 17.89
C ASP A 196 -6.10 20.99 17.89
N HIS A 197 -5.75 20.30 16.82
CA HIS A 197 -6.44 19.07 16.56
C HIS A 197 -5.85 17.88 17.28
N ASP A 198 -6.71 16.90 17.53
CA ASP A 198 -6.35 15.62 18.11
C ASP A 198 -5.31 14.93 17.27
N LEU A 199 -4.58 13.99 17.90
CA LEU A 199 -3.78 13.06 17.12
C LEU A 199 -4.64 12.26 16.13
N LYS A 200 -5.71 11.65 16.63
CA LYS A 200 -6.53 10.85 15.72
C LYS A 200 -7.00 11.68 14.55
N ARG A 201 -7.20 12.98 14.75
CA ARG A 201 -7.63 13.79 13.61
C ARG A 201 -6.55 13.86 12.54
N CYS A 202 -5.35 14.33 12.94
CA CYS A 202 -4.20 14.33 12.02
C CYS A 202 -4.04 12.98 11.37
N GLN A 203 -4.40 11.91 12.08
CA GLN A 203 -4.33 10.63 11.43
C GLN A 203 -5.32 10.54 10.28
N TYR A 204 -6.60 10.78 10.57
CA TYR A 204 -7.63 10.63 9.52
C TYR A 204 -7.29 11.49 8.30
N VAL A 205 -6.88 12.74 8.52
CA VAL A 205 -6.51 13.58 7.39
C VAL A 205 -5.29 12.98 6.70
N THR A 206 -4.31 12.57 7.47
CA THR A 206 -3.10 12.05 6.85
C THR A 206 -3.44 10.84 6.02
N GLU A 207 -4.32 9.97 6.54
CA GLU A 207 -4.72 8.81 5.73
C GLU A 207 -5.41 9.28 4.46
N LYS A 208 -6.43 10.13 4.60
CA LYS A 208 -7.21 10.48 3.41
C LYS A 208 -6.34 11.17 2.38
N VAL A 209 -5.29 11.88 2.81
CA VAL A 209 -4.44 12.58 1.87
C VAL A 209 -3.54 11.60 1.11
N LEU A 210 -2.73 10.80 1.83
CA LEU A 210 -1.88 9.82 1.16
C LEU A 210 -2.68 8.94 0.21
N ALA A 211 -3.92 8.58 0.60
CA ALA A 211 -4.75 7.73 -0.26
C ALA A 211 -5.03 8.43 -1.59
N ALA A 212 -5.22 9.74 -1.55
CA ALA A 212 -5.50 10.51 -2.76
C ALA A 212 -4.23 10.80 -3.54
N VAL A 213 -3.11 10.96 -2.84
CA VAL A 213 -1.79 11.02 -3.49
C VAL A 213 -1.58 9.73 -4.26
N TYR A 214 -1.48 8.60 -3.56
CA TYR A 214 -1.12 7.35 -4.23
C TYR A 214 -2.10 7.00 -5.34
N LYS A 215 -3.35 7.44 -5.22
CA LYS A 215 -4.25 7.29 -6.35
C LYS A 215 -3.78 8.15 -7.50
N ALA A 216 -3.38 9.38 -7.20
CA ALA A 216 -2.91 10.28 -8.25
C ALA A 216 -1.68 9.73 -8.92
N LEU A 217 -0.70 9.28 -8.14
CA LEU A 217 0.49 8.69 -8.74
C LEU A 217 0.11 7.49 -9.58
N SER A 218 -0.80 6.64 -9.09
CA SER A 218 -1.28 5.57 -9.97
C SER A 218 -1.76 6.18 -11.28
N ASP A 219 -2.62 7.21 -11.18
CA ASP A 219 -3.37 7.72 -12.33
C ASP A 219 -2.48 8.28 -13.42
N HIS A 220 -1.35 8.88 -13.03
CA HIS A 220 -0.35 9.40 -13.95
C HIS A 220 0.76 8.41 -14.27
N HIS A 221 0.64 7.16 -13.82
CA HIS A 221 1.61 6.12 -14.15
C HIS A 221 3.02 6.46 -13.64
N ILE A 222 3.09 6.79 -12.39
CA ILE A 222 4.33 7.03 -11.68
C ILE A 222 4.86 5.69 -11.25
N TYR A 223 6.17 5.60 -11.03
CA TYR A 223 6.94 4.36 -10.84
C TYR A 223 7.36 4.37 -9.39
N LEU A 224 6.54 3.73 -8.53
CA LEU A 224 6.70 3.97 -7.11
C LEU A 224 8.03 3.46 -6.60
N GLU A 225 8.65 2.49 -7.30
CA GLU A 225 9.96 2.04 -6.85
C GLU A 225 10.99 3.15 -6.96
N GLY A 226 10.75 4.19 -7.80
CA GLY A 226 11.70 5.30 -7.90
C GLY A 226 10.99 6.57 -7.49
N THR A 227 10.35 6.46 -6.32
CA THR A 227 9.85 7.59 -5.57
C THR A 227 10.27 7.50 -4.12
N LEU A 228 10.10 8.61 -3.43
CA LEU A 228 10.12 8.62 -2.00
C LEU A 228 8.97 9.48 -1.50
N LEU A 229 8.39 9.11 -0.35
CA LEU A 229 7.33 9.91 0.24
C LEU A 229 7.96 10.74 1.34
N LYS A 230 7.78 12.04 1.29
CA LYS A 230 8.23 12.86 2.40
C LYS A 230 7.00 13.25 3.19
N PRO A 231 6.46 12.37 4.02
CA PRO A 231 5.30 12.74 4.83
C PRO A 231 5.66 13.36 6.16
N ASN A 232 4.76 14.23 6.66
CA ASN A 232 4.72 14.68 8.06
C ASN A 232 4.62 13.47 8.97
N MET A 233 5.08 13.55 10.22
CA MET A 233 4.60 12.56 11.17
C MET A 233 3.13 12.84 11.40
N VAL A 234 2.43 11.95 12.09
CA VAL A 234 1.10 12.30 12.55
C VAL A 234 1.26 12.59 14.02
N THR A 235 1.19 13.86 14.33
CA THR A 235 1.30 14.51 15.61
C THR A 235 0.04 15.32 15.85
N PRO A 236 -0.28 15.58 17.08
CA PRO A 236 -1.38 16.51 17.33
C PRO A 236 -0.96 17.91 16.93
N GLY A 237 -2.00 18.72 16.75
CA GLY A 237 -1.81 20.12 16.47
C GLY A 237 -0.77 20.73 17.38
N HIS A 238 -0.17 21.82 16.87
CA HIS A 238 0.74 22.60 17.68
C HIS A 238 0.09 23.18 18.92
N ALA A 239 -1.21 23.48 18.87
CA ALA A 239 -1.92 24.13 19.96
C ALA A 239 -2.85 23.16 20.62
N CYS A 240 -2.67 21.87 20.34
CA CYS A 240 -3.49 20.90 21.03
C CYS A 240 -3.11 20.85 22.49
N THR A 241 -4.13 20.73 23.33
CA THR A 241 -3.97 20.66 24.76
C THR A 241 -3.63 19.25 25.19
N GLN A 242 -4.28 18.22 24.63
CA GLN A 242 -3.94 16.89 25.09
C GLN A 242 -2.50 16.56 24.70
N LYS A 243 -1.84 15.76 25.52
CA LYS A 243 -0.51 15.29 25.23
C LYS A 243 -0.64 13.83 24.87
N PHE A 244 0.20 13.42 23.93
CA PHE A 244 0.22 12.06 23.48
C PHE A 244 1.64 11.55 23.48
N SER A 245 1.76 10.29 23.84
CA SER A 245 3.04 9.64 24.00
C SER A 245 3.77 9.46 22.68
N HIS A 246 5.07 9.32 22.80
CA HIS A 246 5.92 9.00 21.67
C HIS A 246 5.58 7.63 21.09
N GLU A 247 4.97 6.75 21.87
CA GLU A 247 4.52 5.49 21.31
C GLU A 247 3.26 5.70 20.47
N GLU A 248 2.40 6.64 20.91
CA GLU A 248 1.15 6.92 20.21
C GLU A 248 1.40 7.66 18.91
N ILE A 249 2.18 8.75 18.96
CA ILE A 249 2.64 9.36 17.73
C ILE A 249 3.22 8.29 16.82
N ALA A 250 3.98 7.37 17.39
CA ALA A 250 4.71 6.45 16.52
C ALA A 250 3.79 5.39 15.99
N MET A 251 2.74 5.05 16.75
CA MET A 251 1.84 4.08 16.16
C MET A 251 0.93 4.76 15.15
N ALA A 252 0.49 5.98 15.46
CA ALA A 252 -0.39 6.69 14.56
C ALA A 252 0.28 6.92 13.22
N THR A 253 1.54 7.35 13.23
CA THR A 253 2.27 7.52 11.99
C THR A 253 2.35 6.21 11.23
N VAL A 254 2.75 5.13 11.91
CA VAL A 254 2.98 3.87 11.19
C VAL A 254 1.68 3.18 10.79
N THR A 255 0.61 3.32 11.58
CA THR A 255 -0.71 2.90 11.10
C THR A 255 -1.10 3.68 9.85
N ALA A 256 -1.08 5.02 9.93
CA ALA A 256 -1.57 5.83 8.82
C ALA A 256 -0.89 5.43 7.54
N LEU A 257 0.40 5.10 7.61
CA LEU A 257 1.10 4.78 6.38
C LEU A 257 0.90 3.34 5.94
N ARG A 258 0.74 2.44 6.91
CA ARG A 258 0.45 1.04 6.57
C ARG A 258 -0.86 0.95 5.83
N ARG A 259 -1.80 1.85 6.11
CA ARG A 259 -3.08 1.86 5.40
C ARG A 259 -3.09 2.57 4.06
N THR A 260 -2.02 3.26 3.66
CA THR A 260 -2.15 4.00 2.42
C THR A 260 -0.98 3.82 1.48
N VAL A 261 0.19 3.41 1.96
CA VAL A 261 1.42 3.53 1.19
C VAL A 261 1.80 2.16 0.63
N PRO A 262 1.57 1.93 -0.66
CA PRO A 262 2.01 0.68 -1.26
C PRO A 262 3.42 0.32 -0.83
N PRO A 263 3.64 -0.94 -0.50
CA PRO A 263 4.99 -1.39 -0.13
C PRO A 263 6.02 -1.10 -1.17
N ALA A 264 5.61 -0.80 -2.41
CA ALA A 264 6.56 -0.60 -3.49
C ALA A 264 7.38 0.64 -3.28
N VAL A 265 6.84 1.61 -2.56
CA VAL A 265 7.57 2.84 -2.34
C VAL A 265 8.89 2.50 -1.68
N THR A 266 9.96 3.12 -2.16
CA THR A 266 11.29 2.67 -1.78
C THR A 266 11.56 2.99 -0.32
N GLY A 267 11.19 4.19 0.10
CA GLY A 267 11.40 4.60 1.47
C GLY A 267 10.58 5.83 1.74
N ILE A 268 10.48 6.19 3.00
CA ILE A 268 9.78 7.40 3.34
C ILE A 268 10.65 8.28 4.25
N THR A 269 10.76 9.52 3.88
CA THR A 269 11.64 10.47 4.53
C THR A 269 10.72 11.42 5.29
N PHE A 270 10.67 11.25 6.61
CA PHE A 270 9.89 12.16 7.42
C PHE A 270 10.51 13.56 7.41
N LEU A 271 9.64 14.56 7.46
CA LEU A 271 10.03 15.94 7.69
C LEU A 271 9.92 16.21 9.20
N SER A 272 10.59 17.27 9.65
CA SER A 272 10.63 17.52 11.09
C SER A 272 9.37 18.22 11.56
N GLY A 273 8.76 19.07 10.72
CA GLY A 273 7.45 19.62 10.99
C GLY A 273 7.41 20.74 12.01
N GLY A 274 8.49 20.95 12.75
CA GLY A 274 8.51 21.90 13.85
C GLY A 274 8.84 21.24 15.16
N GLN A 275 8.79 19.93 15.21
CA GLN A 275 9.28 19.23 16.37
C GLN A 275 10.66 19.79 16.70
N SER A 276 11.01 19.72 17.97
CA SER A 276 12.38 19.99 18.34
C SER A 276 13.29 19.00 17.63
N GLU A 277 14.55 19.39 17.42
CA GLU A 277 15.54 18.41 17.00
C GLU A 277 15.35 17.11 17.77
N GLU A 278 15.34 17.20 19.10
CA GLU A 278 15.35 15.98 19.89
C GLU A 278 14.04 15.21 19.76
N GLU A 279 12.89 15.92 19.66
CA GLU A 279 11.64 15.17 19.54
C GLU A 279 11.55 14.52 18.18
N ALA A 280 12.20 15.10 17.18
CA ALA A 280 12.24 14.43 15.88
C ALA A 280 12.97 13.09 16.00
N SER A 281 14.13 13.11 16.64
CA SER A 281 14.89 11.87 16.73
C SER A 281 14.11 10.84 17.52
N ILE A 282 13.55 11.24 18.65
CA ILE A 282 12.80 10.30 19.48
C ILE A 282 11.67 9.70 18.66
N ASN A 283 10.88 10.57 18.02
CA ASN A 283 9.73 10.08 17.27
C ASN A 283 10.17 9.22 16.08
N LEU A 284 11.17 9.66 15.33
CA LEU A 284 11.71 8.75 14.31
C LEU A 284 12.08 7.40 14.92
N ASN A 285 12.56 7.38 16.16
CA ASN A 285 13.03 6.13 16.76
C ASN A 285 11.86 5.27 17.21
N ALA A 286 10.92 5.84 17.95
CA ALA A 286 9.69 5.12 18.27
C ALA A 286 9.11 4.49 17.02
N ILE A 287 9.09 5.25 15.92
CA ILE A 287 8.47 4.75 14.71
C ILE A 287 9.19 3.51 14.22
N ASN A 288 10.52 3.56 14.14
CA ASN A 288 11.28 2.40 13.67
C ASN A 288 11.29 1.24 14.65
N LYS A 289 11.03 1.51 15.94
CA LYS A 289 10.87 0.50 16.97
C LYS A 289 9.42 -0.01 17.08
N CYS A 290 8.55 0.30 16.12
CA CYS A 290 7.13 -0.10 16.20
C CYS A 290 6.98 -1.58 15.84
N PRO A 291 6.22 -2.35 16.61
CA PRO A 291 6.13 -3.80 16.33
C PRO A 291 5.45 -4.12 15.00
N LEU A 292 4.58 -3.25 14.50
CA LEU A 292 3.92 -3.48 13.22
C LEU A 292 4.93 -3.72 12.13
N LEU A 293 4.47 -4.27 11.02
CA LEU A 293 5.35 -4.55 9.90
C LEU A 293 5.32 -3.40 8.89
N LYS A 294 6.49 -2.84 8.62
CA LYS A 294 6.65 -1.61 7.85
C LYS A 294 7.55 -1.96 6.68
N PRO A 295 6.97 -2.30 5.52
CA PRO A 295 7.75 -2.80 4.39
C PRO A 295 8.55 -1.76 3.63
N TRP A 296 8.70 -0.54 4.14
CA TRP A 296 9.50 0.54 3.52
C TRP A 296 10.52 1.08 4.49
N ALA A 297 11.48 1.82 4.00
CA ALA A 297 12.52 2.43 4.81
C ALA A 297 11.95 3.61 5.53
N LEU A 298 12.05 3.65 6.86
CA LEU A 298 11.46 4.73 7.65
C LEU A 298 12.59 5.54 8.26
N THR A 299 12.84 6.71 7.65
CA THR A 299 14.00 7.53 7.93
C THR A 299 13.58 8.99 7.90
N PHE A 300 14.59 9.87 7.86
CA PHE A 300 14.38 11.31 7.95
C PHE A 300 14.89 12.05 6.71
N SER A 301 14.17 13.16 6.38
CA SER A 301 14.61 14.21 5.44
C SER A 301 14.39 15.54 6.17
N TYR A 302 15.22 15.81 7.18
CA TYR A 302 14.91 16.86 8.15
C TYR A 302 15.55 18.17 7.72
N GLY A 303 14.79 19.25 7.78
CA GLY A 303 15.40 20.55 7.60
C GLY A 303 15.80 21.07 8.95
N ARG A 304 14.84 21.65 9.68
CA ARG A 304 15.14 22.40 10.88
C ARG A 304 15.57 21.51 12.02
N ALA A 305 15.21 20.24 11.99
CA ALA A 305 15.58 19.36 13.07
C ALA A 305 16.94 18.71 12.85
N LEU A 306 17.75 19.22 11.91
CA LEU A 306 19.19 18.93 11.86
C LEU A 306 20.06 20.15 12.03
N GLN A 307 19.56 21.35 11.71
CA GLN A 307 20.38 22.54 11.69
C GLN A 307 20.19 23.50 12.86
N ALA A 308 19.10 23.42 13.62
CA ALA A 308 18.86 24.36 14.71
C ALA A 308 20.07 24.51 15.63
N SER A 309 20.51 23.40 16.24
CA SER A 309 21.73 23.39 17.03
C SER A 309 22.91 23.99 16.29
N ALA A 310 23.12 23.56 15.03
CA ALA A 310 24.22 24.12 14.23
C ALA A 310 24.04 25.60 13.94
N LEU A 311 22.79 26.04 13.69
CA LEU A 311 22.60 27.45 13.33
C LEU A 311 22.79 28.37 14.51
N LYS A 312 22.41 27.91 15.71
CA LYS A 312 22.58 28.77 16.86
C LYS A 312 24.04 28.79 17.29
N ALA A 313 24.72 27.66 17.09
CA ALA A 313 26.16 27.55 17.34
C ALA A 313 26.94 28.40 16.36
N TRP A 314 26.38 28.54 15.16
CA TRP A 314 27.09 29.24 14.10
C TRP A 314 27.11 30.74 14.35
N GLY A 315 25.98 31.26 14.85
CA GLY A 315 25.91 32.65 15.21
C GLY A 315 26.38 33.63 14.17
N GLY A 316 26.69 33.21 12.94
CA GLY A 316 27.19 34.14 11.97
C GLY A 316 28.69 34.31 11.98
N LYS A 317 29.38 33.69 12.95
CA LYS A 317 30.76 33.93 13.30
C LYS A 317 31.58 32.77 12.75
N LYS A 318 32.41 33.11 11.76
CA LYS A 318 33.22 32.14 11.07
C LYS A 318 34.08 31.36 12.04
N GLU A 319 34.42 31.99 13.18
CA GLU A 319 35.16 31.30 14.22
C GLU A 319 34.44 30.06 14.74
N ASN A 320 33.12 30.00 14.62
CA ASN A 320 32.37 28.93 15.28
C ASN A 320 32.19 27.68 14.41
N LEU A 321 32.82 27.64 13.24
CA LEU A 321 32.48 26.66 12.22
C LEU A 321 32.43 25.24 12.77
N LYS A 322 33.57 24.70 13.22
CA LYS A 322 33.60 23.30 13.63
C LYS A 322 32.68 23.02 14.83
N ALA A 323 32.36 24.03 15.65
CA ALA A 323 31.37 23.81 16.70
C ALA A 323 29.96 23.73 16.14
N ALA A 324 29.60 24.70 15.30
CA ALA A 324 28.39 24.58 14.51
C ALA A 324 28.29 23.20 13.90
N GLN A 325 29.33 22.74 13.21
CA GLN A 325 29.11 21.49 12.49
C GLN A 325 29.07 20.30 13.44
N GLU A 326 29.94 20.24 14.45
CA GLU A 326 29.76 19.06 15.29
C GLU A 326 28.40 19.05 16.01
N GLU A 327 27.67 20.18 16.07
CA GLU A 327 26.27 20.09 16.48
C GLU A 327 25.46 19.39 15.40
N TYR A 328 25.56 19.90 14.18
CA TYR A 328 24.92 19.25 13.05
C TYR A 328 25.26 17.78 13.05
N VAL A 329 26.53 17.45 13.25
CA VAL A 329 26.95 16.06 13.12
C VAL A 329 26.32 15.19 14.21
N LYS A 330 26.10 15.74 15.41
CA LYS A 330 25.46 14.97 16.47
C LYS A 330 23.99 14.68 16.14
N ARG A 331 23.25 15.69 15.66
CA ARG A 331 21.90 15.37 15.24
C ARG A 331 21.89 14.42 14.05
N ALA A 332 22.93 14.43 13.21
CA ALA A 332 22.95 13.46 12.12
C ALA A 332 23.21 12.05 12.64
N LEU A 333 24.00 11.92 13.70
CA LEU A 333 24.29 10.61 14.24
C LEU A 333 23.12 10.13 15.06
N ALA A 334 22.52 11.05 15.83
CA ALA A 334 21.32 10.69 16.56
C ALA A 334 20.27 10.13 15.61
N ASN A 335 19.99 10.84 14.53
CA ASN A 335 18.93 10.42 13.64
C ASN A 335 19.29 9.14 12.91
N SER A 336 20.57 8.93 12.64
CA SER A 336 20.96 7.72 11.92
C SER A 336 20.87 6.49 12.79
N LEU A 337 20.63 6.66 14.09
CA LEU A 337 20.25 5.54 14.92
C LEU A 337 18.74 5.51 15.16
N ALA A 338 18.11 6.67 15.23
CA ALA A 338 16.67 6.68 15.39
C ALA A 338 16.00 5.97 14.23
N CYS A 339 16.56 6.10 13.02
CA CYS A 339 16.03 5.37 11.88
C CYS A 339 16.51 3.91 11.86
N GLN A 340 17.09 3.43 12.97
CA GLN A 340 17.39 2.02 13.17
C GLN A 340 16.87 1.50 14.50
N GLY A 341 16.33 2.36 15.36
CA GLY A 341 15.82 1.93 16.64
C GLY A 341 16.82 2.04 17.76
N LYS A 342 18.09 2.26 17.44
CA LYS A 342 19.18 2.20 18.40
C LYS A 342 19.38 3.52 19.14
N TYR A 343 18.58 4.54 18.86
CA TYR A 343 18.79 5.82 19.53
C TYR A 343 18.28 5.75 20.98
N THR A 344 19.00 6.43 21.87
CA THR A 344 18.83 6.36 23.30
C THR A 344 19.50 7.59 23.89
N PRO A 345 18.82 8.35 24.74
CA PRO A 345 19.49 9.50 25.38
C PRO A 345 19.21 9.74 26.87
N ALA A 351 19.63 21.31 24.51
CA ALA A 351 18.67 22.32 24.99
C ALA A 351 18.09 23.34 23.94
N ALA A 352 18.86 23.81 22.96
CA ALA A 352 18.31 24.41 21.75
C ALA A 352 17.92 23.36 20.73
N ALA A 353 18.36 22.10 20.94
CA ALA A 353 17.83 20.90 20.31
C ALA A 353 16.58 20.37 21.02
N SER A 354 16.12 21.08 22.03
CA SER A 354 14.86 20.78 22.67
C SER A 354 13.77 21.80 22.34
N GLU A 355 14.14 22.88 21.67
CA GLU A 355 13.22 23.97 21.41
C GLU A 355 12.26 23.61 20.28
N SER A 356 11.01 24.02 20.43
CA SER A 356 10.07 23.88 19.31
C SER A 356 10.52 24.76 18.17
N LEU A 357 10.61 24.17 16.98
CA LEU A 357 10.97 24.90 15.77
C LEU A 357 9.75 25.21 14.90
N PHE A 358 8.60 25.43 15.52
CA PHE A 358 7.37 25.67 14.79
C PHE A 358 7.28 27.11 14.26
N VAL A 359 7.28 27.23 12.92
CA VAL A 359 6.84 28.43 12.20
C VAL A 359 5.37 28.24 11.81
N SER A 360 4.53 29.22 12.09
CA SER A 360 3.18 29.16 11.57
C SER A 360 3.19 29.15 10.05
N ASN A 361 2.37 28.30 9.45
CA ASN A 361 2.25 28.22 7.98
C ASN A 361 3.61 28.20 7.30
N HIS A 362 4.44 27.21 7.64
CA HIS A 362 5.83 27.29 7.20
C HIS A 362 5.89 27.48 5.69
N ALA A 363 6.84 28.29 5.23
CA ALA A 363 7.02 28.47 3.79
C ALA A 363 8.46 28.82 3.45
N TYR A 364 8.93 28.26 2.34
CA TYR A 364 10.33 28.24 1.94
C TYR A 364 10.37 27.61 0.54
N ALA B 7 -17.26 5.33 12.43
CA ALA B 7 -17.64 4.26 11.50
C ALA B 7 -17.77 2.96 12.25
N LEU B 8 -16.78 2.76 13.14
CA LEU B 8 -16.53 1.50 13.82
C LEU B 8 -15.81 1.71 15.13
N THR B 9 -16.30 1.07 16.19
CA THR B 9 -15.65 1.22 17.48
C THR B 9 -14.36 0.41 17.49
N PRO B 10 -13.62 0.39 18.62
CA PRO B 10 -12.40 -0.45 18.67
C PRO B 10 -12.68 -1.92 18.94
N GLU B 11 -13.57 -2.17 19.89
CA GLU B 11 -14.12 -3.52 20.07
C GLU B 11 -14.51 -4.13 18.71
N GLN B 12 -15.04 -3.31 17.78
CA GLN B 12 -15.49 -3.81 16.48
C GLN B 12 -14.32 -4.01 15.52
N LYS B 13 -13.26 -3.25 15.70
CA LYS B 13 -12.04 -3.39 14.90
C LYS B 13 -11.21 -4.56 15.38
N LYS B 14 -11.18 -4.83 16.68
CA LYS B 14 -10.51 -6.03 17.16
C LYS B 14 -11.21 -7.29 16.64
N GLU B 15 -12.55 -7.28 16.61
CA GLU B 15 -13.30 -8.46 16.19
C GLU B 15 -13.02 -8.80 14.73
N LEU B 16 -12.97 -7.77 13.89
CA LEU B 16 -12.69 -7.98 12.48
C LEU B 16 -11.24 -8.38 12.25
N SER B 17 -10.30 -7.58 12.78
CA SER B 17 -8.89 -7.91 12.64
C SER B 17 -8.63 -9.32 13.10
N ASP B 18 -9.15 -9.69 14.28
CA ASP B 18 -9.08 -11.06 14.75
C ASP B 18 -9.57 -12.04 13.69
N ILE B 19 -10.85 -11.98 13.34
CA ILE B 19 -11.42 -12.85 12.31
C ILE B 19 -10.53 -12.91 11.08
N ALA B 20 -10.09 -11.74 10.58
CA ALA B 20 -9.34 -11.73 9.32
C ALA B 20 -8.04 -12.50 9.45
N HIS B 21 -7.34 -12.35 10.58
CA HIS B 21 -6.07 -13.05 10.74
C HIS B 21 -6.30 -14.54 10.93
N ARG B 22 -7.35 -14.88 11.68
CA ARG B 22 -7.70 -16.28 11.88
C ARG B 22 -7.73 -17.00 10.54
N ILE B 23 -8.47 -16.43 9.59
CA ILE B 23 -8.72 -17.09 8.32
C ILE B 23 -7.44 -17.31 7.55
N VAL B 24 -6.50 -16.39 7.63
CA VAL B 24 -5.26 -16.54 6.86
C VAL B 24 -4.02 -16.69 7.76
N ALA B 25 -4.20 -17.30 8.92
CA ALA B 25 -3.07 -17.67 9.73
C ALA B 25 -2.13 -18.52 8.89
N PRO B 26 -0.89 -18.66 9.33
CA PRO B 26 0.13 -19.32 8.48
C PRO B 26 -0.26 -20.77 8.20
N GLY B 27 -0.17 -21.13 6.92
CA GLY B 27 -0.52 -22.43 6.43
C GLY B 27 -1.93 -22.55 5.90
N LYS B 28 -2.83 -21.62 6.19
CA LYS B 28 -4.24 -21.82 5.92
C LYS B 28 -4.70 -21.00 4.73
N GLY B 29 -5.66 -21.56 4.00
CA GLY B 29 -6.35 -20.83 2.98
C GLY B 29 -7.86 -20.96 3.13
N ILE B 30 -8.57 -20.65 2.06
CA ILE B 30 -10.03 -20.63 2.09
C ILE B 30 -10.51 -21.57 1.01
N LEU B 31 -11.54 -22.33 1.30
CA LEU B 31 -12.13 -23.15 0.26
C LEU B 31 -13.35 -22.41 -0.22
N ALA B 32 -13.44 -22.18 -1.52
CA ALA B 32 -14.57 -21.45 -2.08
C ALA B 32 -15.60 -22.48 -2.54
N ALA B 33 -16.55 -22.78 -1.67
CA ALA B 33 -17.67 -23.68 -2.00
C ALA B 33 -18.99 -22.92 -2.11
N ASP B 34 -18.98 -21.82 -2.92
CA ASP B 34 -19.92 -20.71 -2.91
C ASP B 34 -20.60 -20.53 -4.27
N GLU B 35 -20.59 -21.59 -5.08
CA GLU B 35 -21.21 -21.52 -6.38
C GLU B 35 -22.70 -21.41 -6.17
N SER B 36 -23.29 -20.57 -7.00
CA SER B 36 -24.72 -20.50 -7.04
C SER B 36 -25.26 -21.82 -7.49
N THR B 37 -26.56 -21.98 -7.14
CA THR B 37 -27.30 -23.17 -7.51
C THR B 37 -27.18 -23.43 -9.03
N GLY B 38 -27.41 -22.42 -9.88
CA GLY B 38 -27.44 -22.71 -11.32
C GLY B 38 -26.11 -23.13 -11.94
N SER B 39 -25.02 -22.58 -11.41
CA SER B 39 -23.64 -22.67 -11.85
C SER B 39 -22.89 -23.76 -11.11
N ILE B 40 -23.34 -24.15 -9.91
CA ILE B 40 -22.93 -25.47 -9.44
C ILE B 40 -23.55 -26.56 -10.27
N ALA B 41 -24.75 -26.30 -10.80
CA ALA B 41 -25.45 -27.36 -11.52
C ALA B 41 -24.69 -27.79 -12.76
N LYS B 42 -23.97 -26.87 -13.39
CA LYS B 42 -23.19 -27.22 -14.57
C LYS B 42 -21.86 -27.84 -14.19
N ARG B 43 -21.39 -27.65 -12.95
CA ARG B 43 -20.25 -28.46 -12.51
C ARG B 43 -20.67 -29.90 -12.28
N LEU B 44 -21.87 -30.11 -11.73
CA LEU B 44 -22.38 -31.46 -11.53
C LEU B 44 -22.66 -32.16 -12.85
N GLN B 45 -23.41 -31.52 -13.74
CA GLN B 45 -23.52 -32.00 -15.10
C GLN B 45 -22.19 -32.42 -15.70
N SER B 46 -21.08 -31.84 -15.26
CA SER B 46 -19.79 -32.24 -15.79
C SER B 46 -19.46 -33.70 -15.43
N ILE B 47 -19.92 -34.16 -14.28
CA ILE B 47 -19.72 -35.54 -13.83
C ILE B 47 -21.08 -36.24 -13.83
N GLY B 48 -21.94 -35.86 -14.78
CA GLY B 48 -23.20 -36.59 -14.99
C GLY B 48 -24.05 -36.81 -13.75
N THR B 49 -24.11 -35.83 -12.86
CA THR B 49 -24.95 -35.89 -11.67
C THR B 49 -26.07 -34.86 -11.74
N GLU B 50 -27.27 -35.29 -11.35
CA GLU B 50 -28.43 -34.41 -11.37
C GLU B 50 -28.23 -33.34 -10.32
N ASN B 51 -28.70 -32.13 -10.61
CA ASN B 51 -28.52 -31.03 -9.68
C ASN B 51 -29.73 -30.89 -8.77
N THR B 52 -29.59 -31.38 -7.54
CA THR B 52 -30.69 -31.64 -6.62
C THR B 52 -30.26 -31.18 -5.24
N GLU B 53 -31.22 -30.86 -4.37
CA GLU B 53 -30.80 -30.41 -3.05
C GLU B 53 -29.88 -31.45 -2.45
N GLU B 54 -30.23 -32.73 -2.57
CA GLU B 54 -29.43 -33.69 -1.82
C GLU B 54 -28.03 -33.83 -2.46
N ASN B 55 -27.96 -33.94 -3.79
CA ASN B 55 -26.63 -34.01 -4.40
C ASN B 55 -25.78 -32.83 -3.95
N ARG B 56 -26.31 -31.62 -4.11
CA ARG B 56 -25.58 -30.43 -3.69
C ARG B 56 -25.19 -30.53 -2.24
N ARG B 57 -26.16 -30.90 -1.39
CA ARG B 57 -25.84 -31.08 0.02
C ARG B 57 -24.76 -32.12 0.17
N PHE B 58 -24.96 -33.27 -0.46
CA PHE B 58 -24.00 -34.36 -0.30
C PHE B 58 -22.63 -33.87 -0.67
N TYR B 59 -22.54 -33.17 -1.79
CA TYR B 59 -21.26 -32.78 -2.33
C TYR B 59 -20.58 -31.78 -1.42
N ARG B 60 -21.31 -30.75 -1.02
CA ARG B 60 -20.78 -29.83 -0.01
C ARG B 60 -20.39 -30.58 1.26
N GLN B 61 -21.26 -31.48 1.74
CA GLN B 61 -20.91 -32.16 2.98
C GLN B 61 -19.57 -32.90 2.85
N LEU B 62 -19.38 -33.66 1.75
CA LEU B 62 -18.09 -34.30 1.47
C LEU B 62 -16.89 -33.38 1.69
N LEU B 63 -17.01 -32.12 1.25
CA LEU B 63 -15.94 -31.14 1.39
C LEU B 63 -15.76 -30.69 2.84
N LEU B 64 -16.85 -30.37 3.54
CA LEU B 64 -16.67 -29.85 4.91
C LEU B 64 -16.27 -30.91 5.92
N THR B 65 -16.28 -32.17 5.53
CA THR B 65 -16.08 -33.28 6.44
C THR B 65 -14.77 -34.00 6.17
N ALA B 66 -13.80 -33.30 5.59
CA ALA B 66 -12.58 -33.96 5.14
C ALA B 66 -11.65 -34.19 6.33
N ASP B 67 -11.12 -35.42 6.40
CA ASP B 67 -10.77 -36.08 7.66
C ASP B 67 -9.41 -35.55 8.10
N ASP B 68 -9.44 -34.28 8.53
CA ASP B 68 -8.63 -33.65 9.54
C ASP B 68 -7.17 -33.37 9.32
N ARG B 69 -6.52 -33.91 8.30
CA ARG B 69 -5.25 -33.29 7.97
C ARG B 69 -5.46 -31.96 7.28
N VAL B 70 -6.70 -31.67 6.90
CA VAL B 70 -7.01 -30.38 6.31
C VAL B 70 -7.27 -29.31 7.36
N ASN B 71 -7.37 -29.73 8.61
CA ASN B 71 -7.50 -28.74 9.69
C ASN B 71 -6.44 -27.62 9.61
N PRO B 72 -5.13 -27.93 9.51
CA PRO B 72 -4.09 -26.89 9.39
C PRO B 72 -4.08 -26.17 8.04
N CYS B 73 -4.81 -26.65 7.05
CA CYS B 73 -4.68 -26.10 5.71
C CYS B 73 -5.86 -25.23 5.30
N ILE B 74 -7.02 -25.38 5.94
CA ILE B 74 -8.24 -24.70 5.52
C ILE B 74 -8.75 -23.89 6.70
N GLY B 75 -8.36 -22.61 6.76
CA GLY B 75 -8.91 -21.73 7.75
C GLY B 75 -10.41 -21.56 7.59
N GLY B 76 -10.86 -21.29 6.37
CA GLY B 76 -12.23 -20.89 6.15
C GLY B 76 -12.83 -21.50 4.89
N VAL B 77 -14.14 -21.36 4.83
CA VAL B 77 -14.90 -21.89 3.72
C VAL B 77 -15.94 -20.86 3.39
N ILE B 78 -16.02 -20.47 2.14
CA ILE B 78 -17.10 -19.63 1.68
C ILE B 78 -18.22 -20.56 1.23
N LEU B 79 -19.43 -20.35 1.75
CA LEU B 79 -20.55 -21.18 1.35
C LEU B 79 -21.60 -20.33 0.64
N PHE B 80 -22.30 -20.94 -0.31
CA PHE B 80 -23.45 -20.27 -0.91
C PHE B 80 -24.57 -20.25 0.10
N HIS B 81 -25.55 -19.38 -0.12
CA HIS B 81 -26.57 -19.14 0.89
C HIS B 81 -27.28 -20.40 1.36
N GLU B 82 -27.76 -21.25 0.43
CA GLU B 82 -28.49 -22.45 0.86
C GLU B 82 -27.57 -23.41 1.63
N THR B 83 -26.30 -23.52 1.23
CA THR B 83 -25.38 -24.45 1.88
C THR B 83 -25.21 -24.16 3.36
N LEU B 84 -25.48 -22.94 3.78
CA LEU B 84 -25.32 -22.54 5.18
C LEU B 84 -26.49 -22.96 6.07
N TYR B 85 -27.60 -23.38 5.49
CA TYR B 85 -28.80 -23.81 6.19
C TYR B 85 -29.04 -25.29 5.97
N GLN B 86 -28.02 -25.99 5.52
CA GLN B 86 -28.10 -27.42 5.26
C GLN B 86 -27.38 -28.18 6.35
N LYS B 87 -27.89 -29.38 6.64
CA LYS B 87 -27.39 -30.18 7.74
C LYS B 87 -26.61 -31.38 7.20
N ALA B 88 -25.53 -31.69 7.90
CA ALA B 88 -24.81 -32.93 7.67
C ALA B 88 -25.81 -34.04 7.91
N ASP B 89 -25.40 -35.30 7.65
CA ASP B 89 -26.41 -36.34 7.71
C ASP B 89 -26.78 -36.68 9.13
N ASP B 90 -25.92 -36.31 10.08
CA ASP B 90 -26.14 -36.46 11.51
C ASP B 90 -27.10 -35.41 12.05
N GLY B 91 -27.67 -34.57 11.20
CA GLY B 91 -28.54 -33.49 11.64
C GLY B 91 -27.87 -32.17 12.01
N ARG B 92 -26.53 -32.13 12.10
CA ARG B 92 -25.78 -30.95 12.57
C ARG B 92 -25.67 -29.91 11.45
N PRO B 93 -26.00 -28.63 11.72
CA PRO B 93 -25.89 -27.60 10.67
C PRO B 93 -24.45 -27.42 10.19
N PHE B 94 -24.30 -27.22 8.87
CA PHE B 94 -22.95 -27.23 8.29
C PHE B 94 -22.03 -26.23 8.93
N PRO B 95 -22.46 -24.99 9.24
CA PRO B 95 -21.57 -24.07 9.95
C PRO B 95 -21.01 -24.65 11.24
N GLN B 96 -21.84 -25.35 12.02
CA GLN B 96 -21.36 -25.91 13.29
C GLN B 96 -20.44 -27.09 13.05
N VAL B 97 -20.69 -27.86 12.00
CA VAL B 97 -19.78 -28.96 11.68
C VAL B 97 -18.38 -28.45 11.40
N PHE B 98 -18.27 -27.38 10.61
CA PHE B 98 -16.97 -26.85 10.21
C PHE B 98 -16.34 -25.99 11.30
N LYS B 99 -17.17 -25.29 12.07
CA LYS B 99 -16.65 -24.43 13.12
C LYS B 99 -16.05 -25.24 14.26
N SER B 100 -16.76 -26.27 14.72
CA SER B 100 -16.23 -27.16 15.75
C SER B 100 -14.77 -27.56 15.47
N LYS B 101 -14.44 -27.82 14.22
CA LYS B 101 -13.07 -28.20 13.85
C LYS B 101 -12.11 -26.99 13.78
N GLY B 102 -12.52 -25.80 14.19
CA GLY B 102 -11.62 -24.67 14.21
C GLY B 102 -11.62 -23.83 12.97
N GLY B 103 -12.46 -24.18 12.00
CA GLY B 103 -12.57 -23.37 10.80
C GLY B 103 -13.60 -22.28 10.97
N VAL B 104 -13.57 -21.33 10.05
CA VAL B 104 -14.50 -20.22 10.08
C VAL B 104 -15.32 -20.23 8.82
N VAL B 105 -16.60 -19.97 8.97
CA VAL B 105 -17.58 -20.04 7.90
C VAL B 105 -17.66 -18.68 7.28
N GLY B 106 -17.75 -18.66 5.95
CA GLY B 106 -18.01 -17.46 5.19
C GLY B 106 -19.24 -17.67 4.32
N ILE B 107 -19.71 -16.56 3.77
CA ILE B 107 -21.01 -16.50 3.12
C ILE B 107 -20.88 -15.66 1.87
N LYS B 108 -21.33 -16.19 0.73
CA LYS B 108 -21.38 -15.41 -0.49
C LYS B 108 -22.64 -14.54 -0.48
N VAL B 109 -22.45 -13.21 -0.44
CA VAL B 109 -23.60 -12.31 -0.37
C VAL B 109 -23.93 -11.54 -1.64
N ASP B 110 -23.03 -11.48 -2.63
CA ASP B 110 -23.47 -10.80 -3.84
C ASP B 110 -24.57 -11.60 -4.50
N LYS B 111 -25.27 -10.96 -5.41
CA LYS B 111 -26.43 -11.49 -6.10
C LYS B 111 -26.18 -11.49 -7.62
N GLY B 112 -24.94 -11.76 -8.01
CA GLY B 112 -24.60 -11.87 -9.40
C GLY B 112 -24.38 -10.52 -10.07
N VAL B 113 -23.88 -10.59 -11.30
CA VAL B 113 -23.51 -9.40 -12.08
C VAL B 113 -24.70 -8.96 -12.92
N VAL B 114 -24.59 -7.80 -13.54
CA VAL B 114 -25.67 -7.08 -14.19
C VAL B 114 -24.93 -6.19 -15.18
N PRO B 115 -25.43 -5.94 -16.38
CA PRO B 115 -24.62 -5.21 -17.35
C PRO B 115 -24.62 -3.71 -17.07
N LEU B 116 -23.70 -3.04 -17.75
CA LEU B 116 -23.52 -1.60 -17.64
C LEU B 116 -23.88 -1.01 -18.98
N ALA B 117 -24.97 -0.25 -19.02
CA ALA B 117 -25.41 0.31 -20.28
C ALA B 117 -24.31 1.14 -20.91
N GLY B 118 -24.18 1.02 -22.21
CA GLY B 118 -23.30 1.89 -22.93
C GLY B 118 -21.89 1.42 -22.93
N THR B 119 -21.66 0.18 -22.54
CA THR B 119 -20.31 -0.30 -22.45
C THR B 119 -20.16 -1.62 -23.17
N ASN B 120 -18.90 -1.93 -23.48
CA ASN B 120 -18.55 -3.07 -24.32
C ASN B 120 -18.53 -4.36 -23.49
N GLY B 121 -19.70 -4.71 -23.01
CA GLY B 121 -19.81 -5.96 -22.29
C GLY B 121 -19.54 -5.90 -20.81
N GLU B 122 -19.19 -4.75 -20.27
CA GLU B 122 -18.79 -4.76 -18.87
C GLU B 122 -19.98 -4.94 -17.96
N THR B 123 -19.72 -5.14 -16.67
CA THR B 123 -20.77 -5.32 -15.68
C THR B 123 -20.44 -4.72 -14.31
N THR B 124 -21.47 -4.19 -13.65
CA THR B 124 -21.46 -4.12 -12.20
C THR B 124 -21.76 -5.51 -11.65
N THR B 125 -21.85 -5.60 -10.33
CA THR B 125 -22.64 -6.65 -9.71
C THR B 125 -23.60 -5.99 -8.73
N GLN B 126 -24.58 -6.76 -8.31
CA GLN B 126 -25.64 -6.28 -7.45
C GLN B 126 -25.72 -7.19 -6.24
N GLY B 127 -26.34 -6.69 -5.18
CA GLY B 127 -26.44 -7.40 -3.93
C GLY B 127 -26.78 -6.47 -2.79
N LEU B 128 -26.44 -5.18 -2.91
CA LEU B 128 -26.40 -4.32 -1.74
C LEU B 128 -27.75 -4.16 -1.08
N ASP B 129 -28.81 -4.48 -1.77
CA ASP B 129 -30.12 -4.14 -1.26
C ASP B 129 -30.54 -5.18 -0.25
N GLY B 130 -30.97 -4.69 0.90
CA GLY B 130 -31.18 -5.56 2.03
C GLY B 130 -29.90 -6.10 2.61
N LEU B 131 -28.75 -5.73 2.06
CA LEU B 131 -27.52 -6.37 2.49
C LEU B 131 -27.41 -6.36 4.01
N SER B 132 -27.46 -5.19 4.65
CA SER B 132 -27.05 -5.12 6.05
C SER B 132 -27.86 -6.04 6.94
N GLU B 133 -29.15 -6.15 6.65
CA GLU B 133 -29.99 -7.05 7.43
C GLU B 133 -29.66 -8.50 7.10
N ARG B 134 -29.39 -8.81 5.84
CA ARG B 134 -28.89 -10.14 5.52
C ARG B 134 -27.64 -10.48 6.31
N CYS B 135 -26.63 -9.61 6.28
CA CYS B 135 -25.39 -9.85 7.02
C CYS B 135 -25.66 -10.00 8.52
N ALA B 136 -26.62 -9.25 9.04
CA ALA B 136 -27.02 -9.48 10.41
C ALA B 136 -27.44 -10.93 10.63
N GLN B 137 -28.30 -11.45 9.76
CA GLN B 137 -28.69 -12.84 9.88
C GLN B 137 -27.47 -13.75 9.72
N TYR B 138 -26.72 -13.59 8.62
CA TYR B 138 -25.61 -14.50 8.38
C TYR B 138 -24.62 -14.49 9.54
N LYS B 139 -24.49 -13.37 10.23
CA LYS B 139 -23.63 -13.34 11.41
C LYS B 139 -24.19 -14.24 12.52
N LYS B 140 -25.51 -14.12 12.80
CA LYS B 140 -26.12 -14.86 13.91
C LYS B 140 -26.13 -16.35 13.63
N ASP B 141 -26.12 -16.71 12.36
CA ASP B 141 -26.15 -18.10 11.91
C ASP B 141 -24.76 -18.65 11.66
N GLY B 142 -23.72 -17.89 11.99
CA GLY B 142 -22.38 -18.47 12.16
C GLY B 142 -21.30 -17.95 11.25
N ALA B 143 -21.63 -17.05 10.32
CA ALA B 143 -20.67 -16.60 9.32
C ALA B 143 -19.92 -15.42 9.88
N ASP B 144 -18.60 -15.45 9.80
CA ASP B 144 -17.81 -14.34 10.30
C ASP B 144 -17.15 -13.55 9.20
N PHE B 145 -17.34 -13.94 7.95
CA PHE B 145 -16.78 -13.22 6.82
C PHE B 145 -17.64 -13.45 5.59
N ALA B 146 -17.57 -12.53 4.65
CA ALA B 146 -18.41 -12.61 3.46
C ALA B 146 -17.56 -12.47 2.21
N LYS B 147 -18.15 -12.81 1.07
CA LYS B 147 -17.46 -12.57 -0.18
C LYS B 147 -18.38 -11.84 -1.14
N TRP B 148 -17.75 -11.08 -2.03
CA TRP B 148 -18.46 -10.30 -3.03
C TRP B 148 -17.62 -10.31 -4.29
N ARG B 149 -18.13 -10.91 -5.36
CA ARG B 149 -17.36 -11.00 -6.60
C ARG B 149 -17.82 -9.91 -7.59
N CYS B 150 -16.90 -9.05 -8.01
CA CYS B 150 -17.02 -8.19 -9.17
C CYS B 150 -16.10 -8.73 -10.25
N VAL B 151 -16.44 -8.47 -11.49
CA VAL B 151 -15.67 -9.03 -12.59
C VAL B 151 -15.39 -7.96 -13.62
N LEU B 152 -14.13 -7.84 -13.99
CA LEU B 152 -13.77 -7.05 -15.14
C LEU B 152 -13.14 -7.97 -16.17
N LYS B 153 -13.15 -7.55 -17.42
CA LYS B 153 -12.54 -8.35 -18.46
C LYS B 153 -11.54 -7.48 -19.21
N ILE B 154 -10.64 -8.08 -19.95
CA ILE B 154 -9.70 -7.30 -20.74
C ILE B 154 -9.98 -7.58 -22.21
N GLY B 155 -10.49 -6.55 -22.88
CA GLY B 155 -10.75 -6.50 -24.31
C GLY B 155 -9.94 -5.28 -24.67
N GLU B 156 -10.17 -4.61 -25.81
CA GLU B 156 -9.40 -3.40 -26.08
C GLU B 156 -9.98 -2.21 -25.34
N HIS B 157 -11.32 -2.15 -25.24
CA HIS B 157 -11.99 -1.02 -24.62
C HIS B 157 -12.73 -1.42 -23.36
N THR B 158 -12.11 -2.33 -22.63
CA THR B 158 -12.57 -3.10 -21.49
C THR B 158 -11.25 -3.27 -20.74
N PRO B 159 -11.19 -2.98 -19.45
CA PRO B 159 -12.15 -2.47 -18.45
C PRO B 159 -12.15 -0.96 -18.49
N SER B 160 -13.30 -0.40 -18.74
CA SER B 160 -13.40 1.04 -18.92
C SER B 160 -13.30 1.73 -17.58
N ALA B 161 -12.99 3.02 -17.60
CA ALA B 161 -13.12 3.77 -16.37
C ALA B 161 -14.49 3.53 -15.72
N LEU B 162 -15.56 3.62 -16.51
CA LEU B 162 -16.88 3.59 -15.91
C LEU B 162 -17.08 2.31 -15.12
N ALA B 163 -16.57 1.18 -15.64
CA ALA B 163 -16.76 -0.10 -14.96
C ALA B 163 -15.84 -0.20 -13.75
N ILE B 164 -14.59 0.19 -13.93
CA ILE B 164 -13.68 0.13 -12.79
C ILE B 164 -14.21 1.00 -11.68
N MET B 165 -14.75 2.16 -12.03
CA MET B 165 -15.19 3.06 -10.99
C MET B 165 -16.40 2.49 -10.29
N GLU B 166 -17.34 1.96 -11.05
CA GLU B 166 -18.55 1.49 -10.42
C GLU B 166 -18.29 0.20 -9.66
N ASN B 167 -17.41 -0.67 -10.16
CA ASN B 167 -17.19 -1.91 -9.43
C ASN B 167 -16.42 -1.65 -8.14
N ALA B 168 -15.29 -0.93 -8.21
CA ALA B 168 -14.58 -0.62 -6.97
C ALA B 168 -15.51 0.06 -5.97
N ASN B 169 -16.50 0.81 -6.46
CA ASN B 169 -17.41 1.49 -5.54
C ASN B 169 -18.38 0.52 -4.88
N VAL B 170 -19.01 -0.37 -5.64
CA VAL B 170 -19.91 -1.33 -5.02
C VAL B 170 -19.14 -2.26 -4.09
N LEU B 171 -17.97 -2.70 -4.52
CA LEU B 171 -17.11 -3.40 -3.57
C LEU B 171 -16.96 -2.61 -2.26
N ALA B 172 -16.84 -1.27 -2.34
CA ALA B 172 -16.62 -0.53 -1.11
C ALA B 172 -17.89 -0.38 -0.31
N ARG B 173 -19.03 -0.18 -0.99
CA ARG B 173 -20.32 -0.18 -0.30
C ARG B 173 -20.52 -1.46 0.50
N TYR B 174 -20.34 -2.58 -0.17
CA TYR B 174 -20.51 -3.87 0.48
C TYR B 174 -19.56 -4.08 1.65
N ALA B 175 -18.26 -3.85 1.43
CA ALA B 175 -17.35 -3.92 2.55
C ALA B 175 -17.85 -3.12 3.73
N SER B 176 -18.33 -1.88 3.48
CA SER B 176 -18.75 -1.05 4.61
C SER B 176 -20.00 -1.62 5.28
N ILE B 177 -20.84 -2.29 4.54
CA ILE B 177 -22.01 -2.85 5.20
C ILE B 177 -21.65 -4.07 5.99
N CYS B 178 -20.69 -4.85 5.50
CA CYS B 178 -20.26 -6.05 6.22
C CYS B 178 -19.62 -5.70 7.54
N GLN B 179 -18.67 -4.78 7.54
CA GLN B 179 -18.00 -4.49 8.79
C GLN B 179 -18.93 -3.85 9.81
N GLN B 180 -19.94 -3.09 9.37
CA GLN B 180 -20.97 -2.62 10.28
C GLN B 180 -21.49 -3.80 11.10
N ASN B 181 -21.72 -4.95 10.44
CA ASN B 181 -22.23 -6.18 11.08
C ASN B 181 -21.12 -7.17 11.44
N GLY B 182 -19.99 -6.70 11.91
CA GLY B 182 -18.92 -7.61 12.30
C GLY B 182 -18.57 -8.75 11.37
N ILE B 183 -18.76 -8.57 10.07
CA ILE B 183 -18.39 -9.57 9.09
C ILE B 183 -17.21 -9.07 8.30
N VAL B 184 -16.07 -9.76 8.39
CA VAL B 184 -14.93 -9.38 7.58
C VAL B 184 -15.24 -9.47 6.09
N PRO B 185 -15.17 -8.38 5.31
CA PRO B 185 -15.43 -8.54 3.88
C PRO B 185 -14.23 -9.06 3.12
N ILE B 186 -14.53 -9.95 2.17
CA ILE B 186 -13.59 -10.35 1.13
C ILE B 186 -13.90 -9.55 -0.12
N VAL B 187 -12.96 -8.77 -0.58
CA VAL B 187 -13.11 -7.84 -1.69
C VAL B 187 -12.51 -8.52 -2.87
N GLU B 188 -13.28 -9.04 -3.78
CA GLU B 188 -12.71 -9.72 -4.90
C GLU B 188 -12.81 -8.90 -6.15
N PRO B 189 -11.78 -8.22 -6.69
CA PRO B 189 -11.90 -7.63 -7.94
C PRO B 189 -11.27 -8.67 -8.85
N GLU B 190 -12.04 -9.54 -9.50
CA GLU B 190 -11.46 -10.56 -10.38
C GLU B 190 -11.28 -9.99 -11.77
N ILE B 191 -10.07 -9.97 -12.31
CA ILE B 191 -9.84 -9.64 -13.71
C ILE B 191 -9.92 -11.00 -14.37
N LEU B 192 -10.80 -11.23 -15.32
CA LEU B 192 -10.93 -12.53 -15.92
C LEU B 192 -9.73 -12.80 -16.80
N PRO B 193 -9.33 -14.07 -16.94
CA PRO B 193 -8.26 -14.42 -17.88
C PRO B 193 -8.72 -14.43 -19.30
N ASP B 194 -10.02 -14.37 -19.55
CA ASP B 194 -10.53 -14.28 -20.91
C ASP B 194 -9.70 -13.32 -21.73
N GLY B 195 -9.06 -13.84 -22.79
CA GLY B 195 -8.44 -12.95 -23.75
C GLY B 195 -7.10 -13.36 -24.32
N ASP B 196 -6.60 -12.54 -25.24
CA ASP B 196 -5.32 -12.72 -25.90
C ASP B 196 -4.20 -11.95 -25.20
N HIS B 197 -4.48 -11.32 -24.06
CA HIS B 197 -3.58 -10.30 -23.53
C HIS B 197 -2.31 -10.93 -23.02
N ASP B 198 -1.22 -10.18 -23.04
CA ASP B 198 0.02 -10.77 -22.57
C ASP B 198 0.07 -10.54 -21.06
N LEU B 199 1.23 -10.81 -20.47
CA LEU B 199 1.28 -10.84 -19.02
C LEU B 199 1.30 -9.44 -18.46
N LYS B 200 2.02 -8.55 -19.15
CA LYS B 200 2.18 -7.20 -18.65
C LYS B 200 0.92 -6.41 -18.84
N ARG B 201 0.21 -6.66 -19.93
CA ARG B 201 -1.08 -6.02 -20.08
C ARG B 201 -1.92 -6.25 -18.83
N CYS B 202 -2.07 -7.55 -18.47
CA CYS B 202 -2.79 -8.00 -17.28
C CYS B 202 -2.26 -7.36 -16.02
N GLN B 203 -0.93 -7.28 -15.92
CA GLN B 203 -0.34 -6.67 -14.76
C GLN B 203 -0.77 -5.21 -14.64
N TYR B 204 -0.78 -4.47 -15.78
CA TYR B 204 -1.19 -3.06 -15.75
C TYR B 204 -2.66 -2.92 -15.36
N VAL B 205 -3.53 -3.73 -15.98
CA VAL B 205 -4.96 -3.64 -15.65
C VAL B 205 -5.20 -4.01 -14.20
N THR B 206 -4.43 -4.95 -13.67
CA THR B 206 -4.61 -5.32 -12.28
C THR B 206 -4.12 -4.18 -11.39
N GLU B 207 -3.05 -3.49 -11.79
CA GLU B 207 -2.57 -2.40 -10.95
C GLU B 207 -3.60 -1.29 -10.93
N LYS B 208 -4.17 -0.96 -12.10
CA LYS B 208 -5.13 0.15 -12.17
C LYS B 208 -6.40 -0.22 -11.42
N VAL B 209 -6.80 -1.50 -11.50
CA VAL B 209 -8.00 -1.91 -10.78
C VAL B 209 -7.78 -1.79 -9.28
N LEU B 210 -6.73 -2.41 -8.77
CA LEU B 210 -6.54 -2.44 -7.32
C LEU B 210 -6.31 -1.03 -6.76
N ALA B 211 -5.51 -0.21 -7.45
CA ALA B 211 -5.42 1.19 -7.09
C ALA B 211 -6.81 1.78 -6.91
N ALA B 212 -7.71 1.47 -7.84
CA ALA B 212 -9.03 2.06 -7.79
C ALA B 212 -9.84 1.49 -6.64
N VAL B 213 -9.66 0.20 -6.38
CA VAL B 213 -10.41 -0.40 -5.31
C VAL B 213 -9.96 0.15 -3.98
N TYR B 214 -8.64 0.31 -3.77
CA TYR B 214 -8.15 0.72 -2.45
C TYR B 214 -8.37 2.19 -2.18
N LYS B 215 -8.46 3.01 -3.23
CA LYS B 215 -8.95 4.37 -3.07
C LYS B 215 -10.41 4.35 -2.71
N ALA B 216 -11.22 3.54 -3.41
CA ALA B 216 -12.63 3.39 -3.08
C ALA B 216 -12.81 2.99 -1.63
N LEU B 217 -12.03 2.02 -1.16
CA LEU B 217 -12.18 1.58 0.21
C LEU B 217 -11.83 2.72 1.14
N SER B 218 -10.72 3.40 0.89
CA SER B 218 -10.44 4.59 1.67
C SER B 218 -11.61 5.57 1.65
N ASP B 219 -12.15 5.86 0.47
CA ASP B 219 -13.22 6.85 0.33
C ASP B 219 -14.41 6.51 1.20
N HIS B 220 -14.78 5.22 1.24
CA HIS B 220 -15.93 4.75 2.02
C HIS B 220 -15.59 4.44 3.46
N HIS B 221 -14.38 4.79 3.89
CA HIS B 221 -13.88 4.60 5.25
C HIS B 221 -13.95 3.15 5.70
N ILE B 222 -13.57 2.21 4.85
CA ILE B 222 -13.59 0.84 5.31
C ILE B 222 -12.24 0.54 5.94
N TYR B 223 -12.23 -0.44 6.87
CA TYR B 223 -11.17 -0.65 7.87
C TYR B 223 -10.26 -1.73 7.30
N LEU B 224 -9.10 -1.37 6.77
CA LEU B 224 -8.48 -2.38 5.91
C LEU B 224 -7.99 -3.58 6.72
N GLU B 225 -7.50 -3.35 7.94
CA GLU B 225 -7.01 -4.49 8.74
C GLU B 225 -8.07 -5.56 8.93
N GLY B 226 -9.36 -5.22 8.85
CA GLY B 226 -10.41 -6.22 8.84
C GLY B 226 -10.98 -6.49 7.46
N THR B 227 -10.09 -6.76 6.52
CA THR B 227 -10.50 -7.04 5.17
C THR B 227 -9.58 -8.13 4.67
N LEU B 228 -9.98 -8.78 3.63
CA LEU B 228 -9.05 -9.56 2.87
C LEU B 228 -9.34 -9.25 1.43
N LEU B 229 -8.41 -9.59 0.58
CA LEU B 229 -8.52 -9.30 -0.84
C LEU B 229 -8.30 -10.59 -1.62
N LYS B 230 -9.27 -10.95 -2.47
CA LYS B 230 -9.23 -12.13 -3.34
C LYS B 230 -9.02 -11.60 -4.75
N PRO B 231 -7.81 -11.46 -5.20
CA PRO B 231 -7.60 -11.11 -6.61
C PRO B 231 -7.27 -12.28 -7.50
N ASN B 232 -7.44 -12.08 -8.80
CA ASN B 232 -6.74 -12.87 -9.80
C ASN B 232 -5.24 -12.78 -9.56
N MET B 233 -4.50 -13.85 -9.86
CA MET B 233 -3.08 -13.62 -10.05
C MET B 233 -2.93 -12.84 -11.34
N VAL B 234 -1.73 -12.35 -11.59
CA VAL B 234 -1.41 -11.72 -12.85
C VAL B 234 -0.94 -12.81 -13.80
N THR B 235 -1.56 -12.90 -14.97
CA THR B 235 -1.42 -14.07 -15.81
C THR B 235 -1.73 -13.67 -17.24
N PRO B 236 -1.01 -14.20 -18.21
CA PRO B 236 -1.42 -14.02 -19.59
C PRO B 236 -2.87 -14.43 -19.77
N GLY B 237 -3.46 -13.82 -20.77
CA GLY B 237 -4.77 -14.23 -21.22
C GLY B 237 -4.80 -15.69 -21.59
N HIS B 238 -5.95 -16.32 -21.36
CA HIS B 238 -6.19 -17.66 -21.90
C HIS B 238 -5.63 -17.80 -23.31
N ALA B 239 -6.18 -17.06 -24.29
CA ALA B 239 -5.81 -17.19 -25.69
C ALA B 239 -4.43 -16.62 -25.98
N CYS B 240 -3.66 -16.24 -24.94
CA CYS B 240 -2.34 -15.67 -25.18
C CYS B 240 -1.45 -16.76 -25.69
N THR B 241 -0.78 -16.46 -26.81
CA THR B 241 0.11 -17.38 -27.50
C THR B 241 1.45 -17.45 -26.81
N GLN B 242 1.93 -16.33 -26.29
CA GLN B 242 3.21 -16.24 -25.63
C GLN B 242 3.20 -16.96 -24.31
N LYS B 243 4.37 -17.43 -23.94
CA LYS B 243 4.52 -18.30 -22.80
C LYS B 243 5.37 -17.62 -21.73
N PHE B 244 4.93 -17.84 -20.50
CA PHE B 244 5.44 -17.11 -19.37
C PHE B 244 5.67 -18.09 -18.22
N SER B 245 6.80 -17.94 -17.58
CA SER B 245 7.16 -18.79 -16.48
C SER B 245 6.37 -18.46 -15.25
N HIS B 246 6.59 -19.28 -14.22
CA HIS B 246 5.96 -19.09 -12.94
C HIS B 246 6.76 -18.12 -12.10
N GLU B 247 8.06 -17.96 -12.41
CA GLU B 247 8.79 -16.89 -11.75
C GLU B 247 8.34 -15.55 -12.33
N GLU B 248 7.90 -15.59 -13.58
CA GLU B 248 7.48 -14.35 -14.21
C GLU B 248 6.07 -13.97 -13.80
N ILE B 249 5.21 -15.00 -13.62
CA ILE B 249 3.86 -14.74 -13.11
C ILE B 249 3.90 -14.34 -11.65
N ALA B 250 4.88 -14.85 -10.90
CA ALA B 250 4.92 -14.53 -9.48
C ALA B 250 5.54 -13.17 -9.26
N MET B 251 6.57 -12.84 -10.09
CA MET B 251 7.03 -11.45 -10.13
C MET B 251 5.92 -10.48 -10.53
N ALA B 252 5.32 -10.72 -11.70
CA ALA B 252 4.23 -9.87 -12.16
C ALA B 252 3.17 -9.72 -11.07
N THR B 253 2.78 -10.83 -10.47
CA THR B 253 1.72 -10.77 -9.47
C THR B 253 2.18 -10.03 -8.23
N VAL B 254 3.39 -10.30 -7.76
CA VAL B 254 3.82 -9.69 -6.51
C VAL B 254 4.10 -8.20 -6.71
N THR B 255 4.77 -7.81 -7.80
CA THR B 255 4.98 -6.36 -7.96
C THR B 255 3.62 -5.65 -8.11
N ALA B 256 2.69 -6.24 -8.86
CA ALA B 256 1.38 -5.63 -8.97
C ALA B 256 0.80 -5.36 -7.58
N LEU B 257 0.96 -6.31 -6.67
CA LEU B 257 0.33 -6.14 -5.35
C LEU B 257 1.11 -5.19 -4.45
N ARG B 258 2.44 -5.10 -4.61
CA ARG B 258 3.23 -4.19 -3.79
C ARG B 258 2.96 -2.76 -4.19
N ARG B 259 2.52 -2.52 -5.42
CA ARG B 259 2.28 -1.17 -5.93
C ARG B 259 0.87 -0.67 -5.67
N THR B 260 0.00 -1.49 -5.06
CA THR B 260 -1.37 -1.06 -4.89
C THR B 260 -1.92 -1.38 -3.49
N VAL B 261 -1.62 -2.55 -2.94
CA VAL B 261 -2.31 -3.02 -1.75
C VAL B 261 -1.57 -2.52 -0.53
N PRO B 262 -2.10 -1.55 0.19
CA PRO B 262 -1.40 -1.06 1.34
C PRO B 262 -1.18 -2.21 2.35
N PRO B 263 -0.11 -2.10 3.13
CA PRO B 263 0.23 -3.19 4.05
C PRO B 263 -0.82 -3.57 5.06
N ALA B 264 -1.68 -2.64 5.43
CA ALA B 264 -2.64 -2.92 6.47
C ALA B 264 -3.57 -4.05 6.10
N VAL B 265 -3.75 -4.32 4.80
CA VAL B 265 -4.57 -5.43 4.37
C VAL B 265 -3.99 -6.72 4.91
N THR B 266 -4.83 -7.48 5.62
CA THR B 266 -4.38 -8.58 6.45
C THR B 266 -3.99 -9.81 5.67
N GLY B 267 -4.59 -10.00 4.52
CA GLY B 267 -4.16 -11.15 3.74
C GLY B 267 -4.65 -11.01 2.33
N ILE B 268 -4.05 -11.79 1.46
CA ILE B 268 -4.43 -11.85 0.08
C ILE B 268 -4.65 -13.31 -0.23
N THR B 269 -5.90 -13.68 -0.41
CA THR B 269 -6.29 -15.04 -0.70
C THR B 269 -6.59 -15.11 -2.19
N PHE B 270 -5.76 -15.82 -2.94
CA PHE B 270 -5.87 -15.73 -4.39
C PHE B 270 -7.01 -16.59 -4.91
N LEU B 271 -7.64 -16.17 -5.99
CA LEU B 271 -8.61 -17.02 -6.66
C LEU B 271 -7.86 -17.82 -7.72
N SER B 272 -8.34 -19.06 -7.93
CA SER B 272 -7.75 -19.97 -8.92
C SER B 272 -7.69 -19.37 -10.32
N GLY B 273 -8.77 -18.69 -10.78
CA GLY B 273 -8.77 -18.07 -12.10
C GLY B 273 -9.08 -18.99 -13.24
N GLY B 274 -9.37 -20.26 -12.96
CA GLY B 274 -9.44 -21.24 -14.00
C GLY B 274 -8.12 -21.89 -14.31
N GLN B 275 -7.06 -21.64 -13.54
CA GLN B 275 -5.88 -22.42 -13.75
C GLN B 275 -6.11 -23.84 -13.31
N SER B 276 -5.32 -24.74 -13.87
CA SER B 276 -5.33 -26.10 -13.42
C SER B 276 -5.01 -26.11 -11.96
N GLU B 277 -5.42 -27.21 -11.33
CA GLU B 277 -5.25 -27.35 -9.91
C GLU B 277 -3.80 -27.23 -9.50
N GLU B 278 -2.89 -27.57 -10.41
CA GLU B 278 -1.50 -27.70 -10.04
C GLU B 278 -0.70 -26.45 -10.34
N GLU B 279 -0.95 -25.86 -11.52
CA GLU B 279 -0.50 -24.51 -11.79
C GLU B 279 -0.86 -23.60 -10.65
N ALA B 280 -2.10 -23.73 -10.16
CA ALA B 280 -2.54 -22.87 -9.07
C ALA B 280 -1.61 -23.02 -7.88
N SER B 281 -1.24 -24.24 -7.53
CA SER B 281 -0.37 -24.43 -6.39
C SER B 281 1.07 -24.08 -6.72
N ILE B 282 1.52 -24.29 -7.94
CA ILE B 282 2.88 -23.89 -8.28
C ILE B 282 3.02 -22.37 -8.22
N ASN B 283 2.15 -21.66 -8.92
CA ASN B 283 2.17 -20.20 -8.90
C ASN B 283 1.98 -19.66 -7.48
N LEU B 284 1.01 -20.18 -6.73
CA LEU B 284 0.89 -19.75 -5.34
C LEU B 284 2.22 -19.91 -4.62
N ASN B 285 2.89 -21.03 -4.83
CA ASN B 285 4.17 -21.27 -4.17
C ASN B 285 5.23 -20.27 -4.66
N ALA B 286 5.48 -20.27 -5.96
CA ALA B 286 6.37 -19.29 -6.56
C ALA B 286 6.18 -17.92 -5.94
N ILE B 287 4.95 -17.47 -5.85
CA ILE B 287 4.65 -16.18 -5.27
C ILE B 287 5.26 -16.08 -3.87
N ASN B 288 4.95 -17.04 -3.01
CA ASN B 288 5.46 -16.95 -1.65
C ASN B 288 6.97 -16.96 -1.61
N LYS B 289 7.60 -17.56 -2.63
CA LYS B 289 9.06 -17.58 -2.73
C LYS B 289 9.61 -16.38 -3.46
N CYS B 290 8.76 -15.51 -3.97
CA CYS B 290 9.25 -14.28 -4.55
C CYS B 290 10.13 -13.57 -3.53
N PRO B 291 11.34 -13.16 -3.90
CA PRO B 291 12.25 -12.59 -2.90
C PRO B 291 11.75 -11.26 -2.36
N LEU B 292 11.11 -10.46 -3.21
CA LEU B 292 10.61 -9.16 -2.82
C LEU B 292 9.81 -9.26 -1.53
N LEU B 293 9.64 -8.12 -0.88
CA LEU B 293 9.06 -8.10 0.45
C LEU B 293 7.55 -8.00 0.34
N LYS B 294 6.86 -8.90 1.06
CA LYS B 294 5.42 -9.13 0.88
C LYS B 294 4.77 -9.00 2.25
N PRO B 295 4.37 -7.82 2.61
CA PRO B 295 3.93 -7.58 3.99
C PRO B 295 2.52 -8.04 4.29
N TRP B 296 1.93 -8.88 3.49
CA TRP B 296 0.63 -9.48 3.78
C TRP B 296 0.67 -10.96 3.52
N ALA B 297 -0.29 -11.68 4.03
CA ALA B 297 -0.43 -13.12 3.89
C ALA B 297 -0.80 -13.45 2.46
N LEU B 298 0.03 -14.25 1.80
CA LEU B 298 -0.23 -14.62 0.40
C LEU B 298 -0.64 -16.08 0.38
N THR B 299 -1.95 -16.31 0.39
CA THR B 299 -2.52 -17.65 0.42
C THR B 299 -3.52 -17.83 -0.71
N PHE B 300 -4.38 -18.83 -0.58
CA PHE B 300 -5.35 -19.21 -1.57
C PHE B 300 -6.75 -19.12 -0.98
N SER B 301 -7.72 -18.74 -1.84
CA SER B 301 -9.16 -18.95 -1.65
C SER B 301 -9.63 -19.63 -2.94
N TYR B 302 -9.20 -20.86 -3.14
CA TYR B 302 -9.51 -21.55 -4.39
C TYR B 302 -10.85 -22.25 -4.27
N GLY B 303 -11.65 -22.18 -5.34
CA GLY B 303 -12.79 -23.07 -5.45
C GLY B 303 -12.44 -24.20 -6.40
N ARG B 304 -12.36 -23.89 -7.69
CA ARG B 304 -12.25 -24.95 -8.68
C ARG B 304 -10.90 -25.65 -8.62
N ALA B 305 -9.89 -24.99 -8.08
CA ALA B 305 -8.55 -25.54 -7.99
C ALA B 305 -8.31 -26.28 -6.70
N LEU B 306 -9.38 -26.53 -5.94
CA LEU B 306 -9.41 -27.48 -4.85
C LEU B 306 -10.51 -28.53 -5.02
N GLN B 307 -11.25 -28.51 -6.11
CA GLN B 307 -12.37 -29.41 -6.27
C GLN B 307 -12.44 -30.12 -7.62
N ALA B 308 -11.58 -29.79 -8.58
CA ALA B 308 -11.58 -30.53 -9.84
C ALA B 308 -11.36 -32.03 -9.60
N SER B 309 -10.17 -32.40 -9.09
CA SER B 309 -9.94 -33.80 -8.74
C SER B 309 -11.04 -34.38 -7.87
N ALA B 310 -11.42 -33.68 -6.80
CA ALA B 310 -12.51 -34.16 -5.96
C ALA B 310 -13.76 -34.48 -6.75
N LEU B 311 -14.22 -33.52 -7.56
CA LEU B 311 -15.49 -33.73 -8.26
C LEU B 311 -15.45 -34.95 -9.16
N LYS B 312 -14.37 -35.11 -9.95
CA LYS B 312 -14.30 -36.21 -10.90
C LYS B 312 -13.91 -37.50 -10.20
N ALA B 313 -13.51 -37.42 -8.94
CA ALA B 313 -13.50 -38.62 -8.13
C ALA B 313 -14.90 -39.03 -7.69
N TRP B 314 -15.59 -38.14 -7.07
CA TRP B 314 -16.89 -38.39 -6.49
C TRP B 314 -17.81 -38.89 -7.55
N GLY B 315 -17.85 -38.30 -8.70
CA GLY B 315 -18.59 -38.72 -9.90
C GLY B 315 -20.04 -39.00 -9.68
N GLY B 316 -20.69 -38.31 -8.78
CA GLY B 316 -22.09 -38.46 -8.46
C GLY B 316 -22.39 -39.66 -7.62
N LYS B 317 -21.42 -40.41 -7.14
CA LYS B 317 -21.66 -41.72 -6.53
C LYS B 317 -21.16 -41.78 -5.11
N LYS B 318 -22.00 -42.18 -4.18
CA LYS B 318 -21.73 -42.13 -2.73
C LYS B 318 -20.56 -42.99 -2.34
N GLU B 319 -20.34 -44.08 -3.01
CA GLU B 319 -19.27 -45.06 -2.78
C GLU B 319 -17.88 -44.49 -2.92
N ASN B 320 -17.65 -43.36 -3.55
CA ASN B 320 -16.31 -42.82 -3.59
C ASN B 320 -16.10 -41.69 -2.64
N LEU B 321 -17.09 -41.37 -1.81
CA LEU B 321 -16.93 -40.25 -0.89
C LEU B 321 -15.53 -40.14 -0.34
N LYS B 322 -15.09 -41.16 0.41
CA LYS B 322 -13.71 -41.14 0.92
C LYS B 322 -12.69 -40.93 -0.21
N ALA B 323 -12.87 -41.58 -1.36
CA ALA B 323 -11.90 -41.42 -2.45
C ALA B 323 -11.86 -39.97 -2.96
N ALA B 324 -13.01 -39.32 -3.06
CA ALA B 324 -13.00 -37.91 -3.46
C ALA B 324 -12.43 -36.99 -2.42
N GLN B 325 -12.78 -37.19 -1.14
CA GLN B 325 -12.24 -36.31 -0.14
C GLN B 325 -10.77 -36.57 0.16
N GLU B 326 -10.17 -37.71 -0.27
CA GLU B 326 -8.72 -37.78 -0.14
C GLU B 326 -8.07 -36.99 -1.26
N GLU B 327 -8.76 -36.86 -2.40
CA GLU B 327 -8.26 -35.99 -3.47
C GLU B 327 -8.31 -34.54 -3.04
N TYR B 328 -9.47 -34.14 -2.50
CA TYR B 328 -9.59 -32.80 -1.93
C TYR B 328 -8.46 -32.53 -0.95
N VAL B 329 -8.25 -33.44 -0.01
CA VAL B 329 -7.22 -33.23 1.01
C VAL B 329 -5.88 -33.04 0.33
N LYS B 330 -5.52 -33.92 -0.60
CA LYS B 330 -4.20 -33.78 -1.21
C LYS B 330 -4.01 -32.34 -1.66
N ARG B 331 -4.99 -31.79 -2.38
CA ARG B 331 -4.83 -30.45 -2.94
C ARG B 331 -4.73 -29.41 -1.85
N ALA B 332 -5.58 -29.50 -0.82
CA ALA B 332 -5.46 -28.54 0.28
C ALA B 332 -4.05 -28.55 0.87
N LEU B 333 -3.46 -29.74 1.05
CA LEU B 333 -2.12 -29.82 1.60
C LEU B 333 -1.12 -29.21 0.64
N ALA B 334 -1.27 -29.51 -0.65
CA ALA B 334 -0.40 -28.91 -1.64
C ALA B 334 -0.41 -27.39 -1.53
N ASN B 335 -1.61 -26.84 -1.36
CA ASN B 335 -1.78 -25.41 -1.34
C ASN B 335 -1.42 -24.81 0.01
N SER B 336 -1.53 -25.58 1.10
CA SER B 336 -1.02 -25.11 2.39
C SER B 336 0.51 -25.13 2.46
N LEU B 337 1.18 -25.76 1.51
CA LEU B 337 2.62 -25.62 1.42
C LEU B 337 3.02 -24.56 0.42
N ALA B 338 2.34 -24.48 -0.72
CA ALA B 338 2.58 -23.38 -1.63
C ALA B 338 2.44 -22.07 -0.90
N CYS B 339 1.52 -22.03 0.03
CA CYS B 339 1.17 -20.90 0.88
C CYS B 339 2.17 -20.71 2.02
N GLN B 340 3.25 -21.49 2.02
CA GLN B 340 4.42 -21.27 2.85
C GLN B 340 5.68 -21.18 2.01
N GLY B 341 5.65 -21.60 0.74
CA GLY B 341 6.82 -21.71 -0.09
C GLY B 341 7.37 -23.11 -0.15
N LYS B 342 6.72 -24.06 0.49
CA LYS B 342 7.28 -25.37 0.73
C LYS B 342 6.63 -26.43 -0.15
N TYR B 343 6.29 -26.08 -1.37
CA TYR B 343 5.60 -27.03 -2.23
C TYR B 343 6.56 -27.50 -3.31
N THR B 344 6.91 -28.79 -3.23
CA THR B 344 7.77 -29.45 -4.17
C THR B 344 6.98 -30.62 -4.74
N PRO B 345 6.77 -30.70 -6.05
CA PRO B 345 6.07 -31.91 -6.51
C PRO B 345 6.89 -32.85 -7.41
N ALA B 351 -3.20 -35.59 -12.71
CA ALA B 351 -3.48 -35.25 -14.11
C ALA B 351 -4.94 -34.92 -14.48
N ALA B 352 -5.88 -35.03 -13.56
CA ALA B 352 -7.05 -34.16 -13.64
C ALA B 352 -6.76 -32.83 -12.97
N ALA B 353 -5.71 -32.80 -12.17
CA ALA B 353 -5.19 -31.61 -11.53
C ALA B 353 -4.37 -30.74 -12.47
N SER B 354 -4.17 -31.18 -13.72
CA SER B 354 -3.53 -30.31 -14.69
C SER B 354 -4.47 -29.93 -15.82
N GLU B 355 -5.59 -30.63 -15.98
CA GLU B 355 -6.72 -30.12 -16.76
C GLU B 355 -6.96 -28.66 -16.40
N SER B 356 -6.87 -27.78 -17.40
CA SER B 356 -7.20 -26.39 -17.12
C SER B 356 -8.67 -26.32 -16.79
N LEU B 357 -9.03 -25.41 -15.88
CA LEU B 357 -10.40 -25.28 -15.41
C LEU B 357 -11.04 -23.98 -15.89
N PHE B 358 -10.56 -23.49 -17.04
CA PHE B 358 -11.00 -22.23 -17.60
C PHE B 358 -12.45 -22.28 -18.08
N VAL B 359 -13.14 -21.16 -17.88
CA VAL B 359 -14.56 -21.02 -18.15
C VAL B 359 -14.75 -19.61 -18.66
N SER B 360 -15.17 -19.48 -19.92
CA SER B 360 -15.43 -18.15 -20.45
C SER B 360 -16.52 -17.47 -19.66
N ASN B 361 -16.27 -16.21 -19.31
CA ASN B 361 -17.11 -15.43 -18.43
C ASN B 361 -17.62 -16.29 -17.27
N HIS B 362 -16.67 -16.71 -16.43
CA HIS B 362 -17.02 -17.51 -15.27
C HIS B 362 -18.08 -16.78 -14.48
N ALA B 363 -19.18 -17.47 -14.19
CA ALA B 363 -20.28 -16.89 -13.42
C ALA B 363 -20.72 -17.86 -12.33
N TYR B 364 -21.07 -17.33 -11.15
CA TYR B 364 -21.55 -18.11 -10.03
C TYR B 364 -21.99 -17.14 -8.95
P PO4 C . 11.27 20.55 7.78
O1 PO4 C . 11.48 21.88 8.45
O2 PO4 C . 11.92 19.54 8.69
O3 PO4 C . 11.93 20.38 6.42
O4 PO4 C . 9.77 20.31 7.64
P PO4 D . -7.53 3.42 14.58
O1 PO4 D . -8.32 4.16 15.64
O2 PO4 D . -7.74 1.91 14.76
O3 PO4 D . -6.04 3.68 14.76
O4 PO4 D . -8.08 3.91 13.24
C1 GOL E . 14.37 25.74 -5.80
O1 GOL E . 15.79 25.59 -5.82
C2 GOL E . 14.00 26.53 -7.07
O2 GOL E . 13.79 25.69 -8.13
C3 GOL E . 12.83 27.38 -6.60
O3 GOL E . 12.44 28.06 -7.69
H11 GOL E . 14.06 26.23 -5.02
H12 GOL E . 13.91 24.91 -5.78
H2 GOL E . 14.74 27.09 -7.34
HO2 GOL E . 13.21 25.10 -7.90
H31 GOL E . 13.11 27.96 -5.87
H32 GOL E . 12.14 26.83 -6.24
C1 GOL F . -3.00 19.87 -12.32
O1 GOL F . -2.84 19.74 -10.88
C2 GOL F . -1.85 20.78 -12.83
O2 GOL F . -1.62 20.93 -14.18
C3 GOL F . -2.42 22.01 -12.17
O3 GOL F . -1.86 23.03 -12.87
H11 GOL F . -3.86 20.19 -12.60
H12 GOL F . -2.94 19.02 -12.70
HO1 GOL F . -3.24 19.02 -10.66
H2 GOL F . -1.00 20.52 -12.44
HO2 GOL F . -2.37 20.84 -14.58
H31 GOL F . -2.20 22.01 -11.23
H32 GOL F . -3.38 22.04 -12.22
P PO4 G . 7.41 -3.67 -14.64
O1 PO4 G . 8.52 -2.76 -14.12
O2 PO4 G . 7.18 -4.68 -13.53
O3 PO4 G . 7.93 -4.45 -15.81
O4 PO4 G . 6.11 -2.98 -15.07
C1 GOL H . 2.18 0.80 -10.97
O1 GOL H . 2.85 1.16 -12.15
C2 GOL H . 1.11 1.94 -10.59
O2 GOL H . -0.15 1.52 -10.21
C3 GOL H . 1.98 2.73 -9.48
O3 GOL H . 1.21 3.66 -8.75
H11 GOL H . 2.79 0.68 -10.24
H12 GOL H . 1.73 -0.04 -11.06
HO1 GOL H . 3.29 0.48 -12.40
H2 GOL H . 0.97 2.51 -11.36
H31 GOL H . 2.74 3.13 -9.91
H32 GOL H . 2.37 2.08 -8.87
HO3 GOL H . 0.72 3.21 -8.22
C1 GOL I . -8.39 2.54 6.43
O1 GOL I . -8.65 3.51 7.40
C2 GOL I . -7.67 3.23 5.18
O2 GOL I . -8.25 2.75 3.93
C3 GOL I . -7.74 4.85 5.28
O3 GOL I . -7.38 5.34 3.96
H11 GOL I . -9.19 2.08 6.13
H12 GOL I . -7.82 1.84 6.78
HO1 GOL I . -8.84 3.10 8.11
H2 GOL I . -6.78 2.97 5.15
HO2 GOL I . -9.08 2.94 3.93
H31 GOL I . -7.16 5.15 5.99
H32 GOL I . -8.62 5.11 5.55
HO3 GOL I . -7.82 6.07 3.85
P PO4 J . -12.38 -19.76 -8.30
O1 PO4 J . -13.02 -19.17 -7.03
O2 PO4 J . -13.31 -20.78 -8.91
O3 PO4 J . -11.10 -20.46 -7.90
O4 PO4 J . -11.97 -18.77 -9.38
C1 GOL K . 4.90 -36.15 -9.71
O1 GOL K . 5.40 -35.09 -8.91
C2 GOL K . 4.38 -35.55 -11.03
O2 GOL K . 5.08 -36.00 -12.13
C3 GOL K . 2.83 -35.84 -11.07
O3 GOL K . 2.27 -35.07 -12.12
H11 GOL K . 4.20 -36.65 -9.27
H12 GOL K . 5.59 -36.80 -9.90
HO1 GOL K . 6.02 -34.72 -9.35
H2 GOL K . 4.52 -34.59 -11.03
H31 GOL K . 2.70 -36.79 -11.17
H32 GOL K . 2.45 -35.61 -10.22
HO3 GOL K . 2.61 -35.36 -12.84
C1 GOL L . -3.14 2.46 -3.93
O1 GOL L . -2.55 2.08 -2.70
C2 GOL L . -3.83 3.92 -3.67
O2 GOL L . -4.75 4.22 -4.75
C3 GOL L . -4.40 3.93 -2.13
O3 GOL L . -5.56 4.71 -2.12
H11 GOL L . -3.80 1.83 -4.25
H12 GOL L . -2.48 2.53 -4.64
HO1 GOL L . -2.13 1.35 -2.85
H2 GOL L . -3.16 4.61 -3.75
HO2 GOL L . -5.28 3.57 -4.83
H31 GOL L . -3.70 4.25 -1.54
H32 GOL L . -4.58 3.02 -1.84
#